data_3BUO
#
_entry.id   3BUO
#
_cell.length_a   63.862
_cell.length_b   110.173
_cell.length_c   55.821
_cell.angle_alpha   90.000
_cell.angle_beta   89.940
_cell.angle_gamma   90.000
#
_symmetry.space_group_name_H-M   'P 1 21 1'
#
loop_
_entity.id
_entity.type
_entity.pdbx_description
1 polymer '13-meric peptide from Epidermal growth factor receptor'
2 polymer 'E3 ubiquitin-protein ligase CBL'
3 water water
#
loop_
_entity_poly.entity_id
_entity_poly.type
_entity_poly.pdbx_seq_one_letter_code
_entity_poly.pdbx_strand_id
1 'polypeptide(L)' DSFLQR(PTR)SSDPTG A,C
2 'polypeptide(L)'
;GSLIGLMKDAFQPHHHHHHHLSPHPPGTVDKKMVEKCWKLMDKVVRLCQNPKLALKNSPPYILDLLPDTYQHLRTILSRY
EGKMETLGENEYFRVFMENLMKKTKQTISLFKEGKERMYEENSQPRRNLTKLSLIFSHMLAELKGIFPSGLFQGDTFRIT
KADAAEFWRKAFGEKTIVPWKSFRQALHEVHPISSGLEAMALKSTIDLTCNDYISVFEFDIFTRLFQPWSSLLRNWNSLA
VTHPGYMAFLTYDEVKARLQKFIHKPGSYIFRLSCTRLGQWAIGYVTADGNILQTIPHNKPLFQALIDGFREGFYLFPDG
RNQNPDLTG
;
B,D
#
# COMPACT_ATOMS: atom_id res chain seq x y z
N SER A 2 15.98 -15.77 20.01
CA SER A 2 16.27 -16.98 20.85
C SER A 2 14.96 -17.78 21.12
N PHE A 3 15.04 -18.73 22.05
CA PHE A 3 13.91 -19.60 22.39
C PHE A 3 12.61 -18.94 22.93
N LEU A 4 11.51 -19.64 22.70
CA LEU A 4 10.20 -19.21 23.10
C LEU A 4 9.60 -20.03 24.24
N GLN A 5 8.30 -19.83 24.41
CA GLN A 5 7.43 -20.47 25.41
C GLN A 5 6.00 -19.93 25.18
N ARG A 6 6.00 -18.69 24.70
CA ARG A 6 4.85 -17.87 24.33
C ARG A 6 3.50 -18.55 24.02
N PTR A 7 3.52 -19.57 23.17
CA PTR A 7 2.25 -20.19 22.72
C PTR A 7 1.52 -21.16 23.62
O PTR A 7 2.09 -22.01 24.25
CB PTR A 7 2.50 -20.81 21.34
CG PTR A 7 2.91 -19.73 20.34
CD1 PTR A 7 1.97 -18.77 19.90
CD2 PTR A 7 4.25 -19.69 19.84
CE1 PTR A 7 2.39 -17.78 18.97
CE2 PTR A 7 4.66 -18.71 18.93
CZ PTR A 7 3.72 -17.77 18.52
OH PTR A 7 4.18 -16.77 17.59
P PTR A 7 5.72 -16.39 17.21
O1P PTR A 7 6.56 -16.43 18.42
O2P PTR A 7 5.78 -15.01 16.61
O3P PTR A 7 6.27 -17.38 16.23
N SER A 8 0.19 -21.00 23.58
CA SER A 8 -0.78 -21.76 24.37
C SER A 8 -1.69 -22.76 23.62
N SER A 9 -2.16 -23.79 24.31
CA SER A 9 -3.00 -24.80 23.67
C SER A 9 -4.36 -24.33 23.28
N ASP A 10 -4.86 -24.83 22.16
CA ASP A 10 -6.20 -24.44 21.74
C ASP A 10 -7.25 -24.83 22.79
N PRO A 11 -7.96 -23.82 23.34
CA PRO A 11 -9.00 -24.08 24.35
C PRO A 11 -10.17 -24.85 23.74
N THR A 12 -9.98 -26.17 23.65
CA THR A 12 -10.97 -27.09 23.12
C THR A 12 -10.68 -28.57 23.48
N PRO B 26 16.99 -7.83 -12.78
CA PRO B 26 18.15 -7.41 -11.97
C PRO B 26 19.53 -7.71 -12.62
N GLY B 27 20.55 -6.96 -12.20
CA GLY B 27 21.89 -7.15 -12.73
C GLY B 27 22.53 -8.40 -12.16
N THR B 28 23.86 -8.52 -12.32
CA THR B 28 24.57 -9.69 -11.81
C THR B 28 25.06 -9.54 -10.36
N VAL B 29 24.95 -10.62 -9.59
CA VAL B 29 25.41 -10.61 -8.21
C VAL B 29 26.85 -11.11 -8.02
N ASP B 30 27.80 -10.19 -8.09
CA ASP B 30 29.22 -10.53 -7.94
C ASP B 30 29.73 -10.52 -6.50
N LYS B 31 30.84 -11.22 -6.27
CA LYS B 31 31.46 -11.32 -4.94
C LYS B 31 31.52 -9.97 -4.16
N LYS B 32 31.72 -8.88 -4.89
CA LYS B 32 31.74 -7.56 -4.29
C LYS B 32 30.39 -7.23 -3.65
N MET B 33 29.34 -7.45 -4.44
CA MET B 33 27.96 -7.25 -4.03
C MET B 33 27.69 -7.64 -2.58
N VAL B 34 28.00 -8.89 -2.24
CA VAL B 34 27.79 -9.37 -0.89
C VAL B 34 28.51 -8.51 0.13
N GLU B 35 29.76 -8.17 -0.19
CA GLU B 35 30.58 -7.31 0.65
C GLU B 35 29.80 -6.09 1.15
N LYS B 36 29.27 -5.32 0.21
CA LYS B 36 28.47 -4.17 0.54
C LYS B 36 27.33 -4.54 1.50
N CYS B 37 26.48 -5.49 1.09
CA CYS B 37 25.38 -5.92 1.93
C CYS B 37 25.78 -6.23 3.35
N TRP B 38 26.96 -6.78 3.51
CA TRP B 38 27.47 -7.09 4.82
C TRP B 38 27.76 -5.82 5.61
N LYS B 39 28.55 -4.94 5.02
CA LYS B 39 28.85 -3.70 5.66
C LYS B 39 27.56 -3.04 6.13
N LEU B 40 26.52 -3.13 5.29
CA LEU B 40 25.22 -2.57 5.62
C LEU B 40 24.57 -3.30 6.78
N MET B 41 24.75 -4.61 6.79
CA MET B 41 24.22 -5.42 7.85
C MET B 41 24.95 -5.18 9.16
N ASP B 42 26.23 -4.90 9.05
CA ASP B 42 27.03 -4.64 10.21
C ASP B 42 26.49 -3.43 10.95
N LYS B 43 26.13 -2.39 10.20
CA LYS B 43 25.60 -1.22 10.82
C LYS B 43 24.18 -1.44 11.37
N VAL B 44 23.25 -1.87 10.51
CA VAL B 44 21.91 -2.08 10.99
C VAL B 44 21.86 -2.79 12.32
N VAL B 45 22.83 -3.67 12.57
CA VAL B 45 22.87 -4.36 13.85
C VAL B 45 23.16 -3.40 14.99
N ARG B 46 24.36 -2.81 14.97
CA ARG B 46 24.74 -1.87 15.99
C ARG B 46 23.62 -0.90 16.34
N LEU B 47 23.05 -0.25 15.32
CA LEU B 47 21.95 0.65 15.55
C LEU B 47 20.90 0.01 16.47
N CYS B 48 20.57 -1.24 16.18
CA CYS B 48 19.60 -1.95 16.97
C CYS B 48 20.16 -2.44 18.30
N GLN B 49 21.47 -2.33 18.47
CA GLN B 49 22.09 -2.75 19.70
C GLN B 49 22.09 -1.69 20.76
N ASN B 50 21.54 -0.52 20.40
CA ASN B 50 21.46 0.56 21.35
C ASN B 50 20.42 0.37 22.46
N PRO B 51 20.88 0.48 23.72
CA PRO B 51 20.04 0.32 24.92
C PRO B 51 18.68 1.02 24.86
N LYS B 52 18.67 2.30 24.50
CA LYS B 52 17.41 3.04 24.42
C LYS B 52 16.29 2.25 23.74
N LEU B 53 16.67 1.42 22.77
CA LEU B 53 15.72 0.59 22.05
C LEU B 53 15.12 -0.48 22.93
N ALA B 54 15.92 -0.97 23.87
CA ALA B 54 15.48 -2.01 24.77
C ALA B 54 14.76 -3.14 24.04
N LEU B 55 15.38 -3.61 22.96
CA LEU B 55 14.81 -4.67 22.16
C LEU B 55 14.75 -6.01 22.91
N LYS B 56 13.60 -6.66 22.85
CA LYS B 56 13.45 -7.95 23.51
C LYS B 56 13.86 -9.12 22.61
N ASN B 57 14.28 -10.19 23.27
CA ASN B 57 14.75 -11.39 22.60
C ASN B 57 13.73 -12.09 21.73
N SER B 58 12.47 -11.98 22.09
CA SER B 58 11.40 -12.61 21.36
C SER B 58 11.44 -12.41 19.85
N PRO B 59 11.12 -13.45 19.09
CA PRO B 59 11.13 -13.33 17.63
C PRO B 59 9.84 -12.63 17.12
N PRO B 60 9.95 -11.85 16.04
CA PRO B 60 11.21 -11.65 15.33
C PRO B 60 12.21 -10.88 16.19
N TYR B 61 13.47 -11.26 16.11
CA TYR B 61 14.51 -10.61 16.87
C TYR B 61 15.71 -10.21 16.00
N ILE B 62 15.52 -9.13 15.25
CA ILE B 62 16.53 -8.61 14.34
C ILE B 62 17.99 -8.89 14.75
N LEU B 63 18.34 -8.64 16.01
CA LEU B 63 19.70 -8.89 16.46
C LEU B 63 20.23 -10.30 16.14
N ASP B 64 19.33 -11.19 15.71
CA ASP B 64 19.70 -12.54 15.33
C ASP B 64 19.53 -12.79 13.83
N LEU B 65 18.35 -12.48 13.32
CA LEU B 65 18.05 -12.67 11.94
C LEU B 65 19.19 -12.24 11.00
N LEU B 66 19.81 -11.11 11.28
CA LEU B 66 20.92 -10.66 10.45
C LEU B 66 22.14 -11.57 10.58
N PRO B 67 22.66 -11.74 11.81
CA PRO B 67 23.84 -12.61 11.99
C PRO B 67 23.58 -13.92 11.26
N ASP B 68 22.43 -14.53 11.54
CA ASP B 68 22.06 -15.78 10.89
C ASP B 68 22.00 -15.70 9.37
N THR B 69 21.43 -14.60 8.87
CA THR B 69 21.37 -14.41 7.45
C THR B 69 22.78 -14.37 6.88
N TYR B 70 23.62 -13.56 7.52
CA TYR B 70 25.00 -13.47 7.11
C TYR B 70 25.62 -14.85 7.08
N GLN B 71 25.37 -15.58 8.16
CA GLN B 71 25.85 -16.93 8.31
C GLN B 71 25.47 -17.81 7.12
N HIS B 72 24.18 -17.83 6.81
CA HIS B 72 23.70 -18.63 5.72
C HIS B 72 24.30 -18.22 4.39
N LEU B 73 24.37 -16.92 4.14
CA LEU B 73 24.95 -16.43 2.92
C LEU B 73 26.37 -16.92 2.76
N ARG B 74 27.06 -17.07 3.89
CA ARG B 74 28.40 -17.58 3.86
C ARG B 74 28.38 -19.06 3.46
N THR B 75 27.47 -19.81 4.06
CA THR B 75 27.32 -21.20 3.72
C THR B 75 27.08 -21.35 2.24
N ILE B 76 26.14 -20.56 1.71
CA ILE B 76 25.87 -20.62 0.30
C ILE B 76 27.13 -20.31 -0.53
N LEU B 77 27.69 -19.13 -0.29
CA LEU B 77 28.90 -18.74 -0.98
C LEU B 77 30.03 -19.76 -0.85
N SER B 78 30.04 -20.50 0.26
CA SER B 78 31.06 -21.51 0.44
C SER B 78 30.85 -22.70 -0.50
N ARG B 79 29.60 -22.99 -0.81
CA ARG B 79 29.30 -24.10 -1.68
C ARG B 79 29.40 -23.77 -3.16
N TYR B 80 29.17 -22.51 -3.52
CA TYR B 80 29.34 -22.14 -4.91
C TYR B 80 30.75 -21.64 -5.12
N GLU B 81 31.57 -21.94 -4.12
CA GLU B 81 32.97 -21.57 -4.09
C GLU B 81 33.68 -21.87 -5.40
N GLY B 82 33.60 -20.94 -6.35
CA GLY B 82 34.21 -21.11 -7.64
C GLY B 82 33.14 -20.84 -8.67
N LYS B 83 32.17 -21.74 -8.74
CA LYS B 83 31.06 -21.56 -9.68
C LYS B 83 30.20 -20.34 -9.32
N MET B 84 30.86 -19.30 -8.82
CA MET B 84 30.24 -18.04 -8.44
C MET B 84 29.33 -17.45 -9.50
N GLU B 85 29.70 -17.67 -10.77
CA GLU B 85 28.89 -17.16 -11.84
C GLU B 85 27.56 -17.90 -11.95
N THR B 86 27.58 -19.18 -11.62
CA THR B 86 26.38 -19.98 -11.64
C THR B 86 25.36 -19.39 -10.68
N LEU B 87 25.89 -18.83 -9.60
CA LEU B 87 25.12 -18.20 -8.56
C LEU B 87 24.66 -16.80 -8.93
N GLY B 88 25.62 -15.94 -9.26
CA GLY B 88 25.29 -14.57 -9.64
C GLY B 88 24.20 -14.59 -10.68
N GLU B 89 24.19 -15.66 -11.49
CA GLU B 89 23.22 -15.83 -12.54
C GLU B 89 21.83 -16.18 -12.01
N ASN B 90 21.80 -16.93 -10.93
CA ASN B 90 20.57 -17.36 -10.31
C ASN B 90 19.55 -16.23 -10.15
N GLU B 91 18.44 -16.32 -10.87
CA GLU B 91 17.41 -15.29 -10.80
C GLU B 91 17.00 -14.95 -9.35
N TYR B 92 16.51 -15.94 -8.62
CA TYR B 92 16.11 -15.72 -7.25
C TYR B 92 17.21 -15.11 -6.40
N PHE B 93 18.41 -15.65 -6.48
CA PHE B 93 19.49 -15.09 -5.70
C PHE B 93 19.80 -13.65 -6.07
N ARG B 94 19.55 -13.29 -7.32
CA ARG B 94 19.79 -11.93 -7.72
C ARG B 94 18.84 -11.03 -6.98
N VAL B 95 17.60 -11.50 -6.89
CA VAL B 95 16.52 -10.79 -6.22
C VAL B 95 16.79 -10.55 -4.74
N PHE B 96 17.05 -11.64 -4.04
CA PHE B 96 17.33 -11.59 -2.63
C PHE B 96 18.32 -10.50 -2.25
N MET B 97 19.57 -10.69 -2.67
CA MET B 97 20.58 -9.73 -2.36
C MET B 97 20.08 -8.33 -2.63
N GLU B 98 19.47 -8.16 -3.80
CA GLU B 98 18.91 -6.89 -4.19
C GLU B 98 17.94 -6.38 -3.14
N ASN B 99 16.91 -7.18 -2.87
CA ASN B 99 15.93 -6.85 -1.87
C ASN B 99 16.59 -6.59 -0.52
N LEU B 100 17.46 -7.53 -0.13
CA LEU B 100 18.20 -7.41 1.10
C LEU B 100 18.91 -6.08 1.24
N MET B 101 19.76 -5.78 0.25
CA MET B 101 20.48 -4.52 0.26
C MET B 101 19.55 -3.33 0.43
N LYS B 102 18.50 -3.32 -0.37
CA LYS B 102 17.52 -2.29 -0.30
C LYS B 102 16.95 -2.22 1.14
N LYS B 103 16.56 -3.38 1.66
CA LYS B 103 16.01 -3.47 3.00
C LYS B 103 16.94 -3.03 4.11
N THR B 104 18.23 -3.37 4.02
CA THR B 104 19.12 -2.90 5.08
C THR B 104 19.16 -1.39 5.10
N LYS B 105 19.18 -0.80 3.90
CA LYS B 105 19.19 0.65 3.77
C LYS B 105 17.97 1.30 4.41
N GLN B 106 16.78 0.96 3.92
CA GLN B 106 15.55 1.52 4.48
C GLN B 106 15.65 1.65 5.99
N THR B 107 16.24 0.62 6.60
CA THR B 107 16.43 0.61 8.05
C THR B 107 17.40 1.69 8.53
N ILE B 108 18.54 1.78 7.85
CA ILE B 108 19.51 2.79 8.16
C ILE B 108 18.86 4.19 8.13
N SER B 109 18.13 4.47 7.05
CA SER B 109 17.44 5.74 6.92
C SER B 109 16.51 5.98 8.09
N LEU B 110 15.57 5.05 8.29
CA LEU B 110 14.62 5.16 9.36
C LEU B 110 15.23 5.76 10.61
N PHE B 111 16.44 5.30 10.95
CA PHE B 111 17.16 5.81 12.10
C PHE B 111 17.53 7.31 11.97
N LYS B 112 18.35 7.66 10.99
CA LYS B 112 18.72 9.05 10.81
C LYS B 112 17.52 9.96 10.57
N GLU B 113 16.59 9.52 9.72
CA GLU B 113 15.39 10.29 9.43
C GLU B 113 14.23 9.92 10.33
N GLY B 114 14.57 9.51 11.54
CA GLY B 114 13.60 9.14 12.56
C GLY B 114 14.23 9.60 13.86
N LYS B 115 15.53 9.86 13.78
CA LYS B 115 16.33 10.32 14.89
C LYS B 115 15.87 9.80 16.23
N GLU B 116 15.93 10.66 17.24
CA GLU B 116 15.53 10.25 18.58
C GLU B 116 14.13 9.64 18.68
N ARG B 117 13.35 9.71 17.60
CA ARG B 117 12.02 9.14 17.63
C ARG B 117 11.99 7.61 17.65
N MET B 118 13.14 7.00 17.36
CA MET B 118 13.20 5.55 17.38
C MET B 118 12.96 5.00 18.78
N TYR B 119 13.74 5.51 19.75
CA TYR B 119 13.62 5.08 21.12
C TYR B 119 12.23 5.35 21.73
N GLU B 120 11.36 5.96 20.92
CA GLU B 120 10.00 6.21 21.36
C GLU B 120 9.09 5.06 21.00
N GLU B 121 8.82 4.19 21.96
CA GLU B 121 7.92 3.09 21.72
C GLU B 121 6.62 3.61 21.11
N ASN B 122 5.99 2.82 20.24
CA ASN B 122 4.75 3.24 19.62
C ASN B 122 4.87 4.46 18.70
N SER B 123 6.09 4.75 18.26
CA SER B 123 6.31 5.85 17.33
C SER B 123 6.40 5.32 15.92
N GLN B 124 5.67 5.91 14.98
CA GLN B 124 5.73 5.42 13.61
C GLN B 124 7.11 4.89 13.25
N PRO B 125 8.17 5.70 13.44
CA PRO B 125 9.52 5.23 13.11
C PRO B 125 9.81 3.87 13.74
N ARG B 126 9.39 3.71 15.00
CA ARG B 126 9.61 2.46 15.69
C ARG B 126 8.77 1.32 15.13
N ARG B 127 7.56 1.61 14.67
CA ARG B 127 6.71 0.58 14.08
C ARG B 127 7.31 0.03 12.79
N ASN B 128 7.92 0.91 12.02
CA ASN B 128 8.56 0.50 10.81
C ASN B 128 9.66 -0.50 11.12
N LEU B 129 10.35 -0.24 12.23
CA LEU B 129 11.38 -1.13 12.64
C LEU B 129 10.83 -2.53 12.88
N THR B 130 9.77 -2.64 13.68
CA THR B 130 9.17 -3.93 13.90
C THR B 130 8.83 -4.59 12.57
N LYS B 131 8.23 -3.81 11.67
CA LYS B 131 7.90 -4.34 10.36
C LYS B 131 9.10 -5.04 9.75
N LEU B 132 10.11 -4.26 9.40
CA LEU B 132 11.29 -4.84 8.84
C LEU B 132 11.71 -6.12 9.57
N SER B 133 11.72 -6.09 10.90
CA SER B 133 12.06 -7.27 11.63
C SER B 133 11.39 -8.47 11.03
N LEU B 134 10.07 -8.41 10.93
CA LEU B 134 9.35 -9.52 10.33
C LEU B 134 9.90 -9.89 8.95
N ILE B 135 10.07 -8.89 8.09
CA ILE B 135 10.60 -9.15 6.78
C ILE B 135 11.91 -9.91 6.83
N PHE B 136 12.83 -9.38 7.62
CA PHE B 136 14.10 -10.05 7.78
C PHE B 136 13.88 -11.49 8.19
N SER B 137 13.01 -11.69 9.17
CA SER B 137 12.67 -13.03 9.59
C SER B 137 12.12 -13.84 8.41
N HIS B 138 11.18 -13.25 7.68
CA HIS B 138 10.61 -13.90 6.52
C HIS B 138 11.68 -14.16 5.47
N MET B 139 12.42 -13.12 5.13
CA MET B 139 13.47 -13.27 4.16
C MET B 139 14.34 -14.47 4.49
N LEU B 140 14.81 -14.51 5.72
CA LEU B 140 15.64 -15.61 6.13
C LEU B 140 14.92 -16.93 5.89
N ALA B 141 13.67 -17.01 6.35
CA ALA B 141 12.87 -18.20 6.15
C ALA B 141 12.83 -18.64 4.68
N GLU B 142 12.59 -17.64 3.82
CA GLU B 142 12.56 -17.88 2.39
C GLU B 142 13.91 -18.42 1.90
N LEU B 143 14.97 -17.65 2.17
CA LEU B 143 16.31 -18.02 1.78
C LEU B 143 16.66 -19.43 2.18
N LYS B 144 16.49 -19.74 3.47
CA LYS B 144 16.78 -21.09 3.94
C LYS B 144 15.95 -22.15 3.24
N GLY B 145 14.83 -21.72 2.64
CA GLY B 145 13.99 -22.65 1.93
C GLY B 145 14.45 -22.85 0.49
N ILE B 146 14.88 -21.76 -0.14
CA ILE B 146 15.35 -21.82 -1.51
C ILE B 146 16.83 -22.21 -1.58
N PHE B 147 17.40 -22.45 -0.42
CA PHE B 147 18.78 -22.85 -0.30
C PHE B 147 19.02 -23.76 0.91
N PRO B 148 18.20 -24.82 1.04
CA PRO B 148 18.46 -25.69 2.20
C PRO B 148 19.88 -26.22 2.01
N SER B 149 20.61 -26.41 3.10
CA SER B 149 21.96 -26.92 3.01
C SER B 149 22.92 -25.95 2.35
N GLY B 150 22.37 -24.94 1.67
CA GLY B 150 23.22 -23.96 1.01
C GLY B 150 23.30 -24.20 -0.49
N LEU B 151 22.58 -25.21 -0.96
CA LEU B 151 22.54 -25.56 -2.39
C LEU B 151 21.20 -25.26 -3.02
N PHE B 152 21.19 -24.38 -4.03
CA PHE B 152 19.94 -23.99 -4.68
C PHE B 152 18.95 -25.11 -5.01
N GLN B 153 17.69 -24.91 -4.70
CA GLN B 153 16.67 -25.91 -4.99
C GLN B 153 15.30 -25.29 -5.29
N GLY B 154 15.33 -24.04 -5.75
CA GLY B 154 14.10 -23.35 -6.07
C GLY B 154 13.22 -24.06 -7.09
N ASP B 155 13.80 -24.41 -8.23
CA ASP B 155 13.04 -25.06 -9.30
C ASP B 155 12.39 -26.40 -8.94
N THR B 156 12.72 -26.94 -7.77
CA THR B 156 12.12 -28.18 -7.34
C THR B 156 11.41 -28.07 -5.98
N PHE B 157 11.29 -26.84 -5.48
CA PHE B 157 10.64 -26.62 -4.21
C PHE B 157 9.40 -27.51 -4.05
N ARG B 158 9.30 -28.14 -2.90
CA ARG B 158 8.18 -29.01 -2.60
C ARG B 158 6.92 -28.27 -2.16
N ILE B 159 6.10 -27.81 -3.09
CA ILE B 159 4.89 -27.13 -2.68
C ILE B 159 3.98 -28.06 -1.84
N THR B 160 3.48 -27.53 -0.72
CA THR B 160 2.67 -28.31 0.17
C THR B 160 1.30 -28.77 -0.34
N LYS B 161 0.35 -27.87 -0.48
CA LYS B 161 -0.93 -28.34 -0.95
C LYS B 161 -0.93 -28.71 -2.45
N ALA B 162 -1.29 -29.97 -2.74
CA ALA B 162 -1.33 -30.50 -4.11
C ALA B 162 -1.84 -29.49 -5.13
N ASP B 163 -3.13 -29.17 -5.03
CA ASP B 163 -3.77 -28.23 -5.92
C ASP B 163 -2.89 -27.06 -6.30
N ALA B 164 -2.50 -26.29 -5.30
CA ALA B 164 -1.66 -25.15 -5.52
C ALA B 164 -0.43 -25.51 -6.34
N ALA B 165 0.26 -26.55 -5.90
CA ALA B 165 1.44 -27.01 -6.59
C ALA B 165 1.24 -27.15 -8.10
N GLU B 166 0.04 -27.57 -8.50
CA GLU B 166 -0.29 -27.72 -9.90
C GLU B 166 -0.30 -26.39 -10.61
N PHE B 167 -1.14 -25.51 -10.08
CA PHE B 167 -1.26 -24.19 -10.60
C PHE B 167 0.10 -23.53 -10.84
N TRP B 168 0.96 -23.55 -9.83
CA TRP B 168 2.25 -22.94 -9.97
C TRP B 168 3.14 -23.58 -11.03
N ARG B 169 3.34 -24.88 -10.94
CA ARG B 169 4.19 -25.50 -11.94
C ARG B 169 3.58 -25.41 -13.35
N LYS B 170 2.26 -25.36 -13.41
CA LYS B 170 1.59 -25.25 -14.69
C LYS B 170 1.62 -23.81 -15.24
N ALA B 171 1.37 -22.84 -14.38
CA ALA B 171 1.37 -21.45 -14.76
C ALA B 171 2.77 -20.85 -14.98
N PHE B 172 3.70 -21.17 -14.08
CA PHE B 172 5.05 -20.63 -14.19
C PHE B 172 6.13 -21.69 -14.43
N GLY B 173 5.70 -22.95 -14.47
CA GLY B 173 6.63 -24.04 -14.70
C GLY B 173 7.61 -24.27 -13.57
N GLU B 174 8.89 -24.03 -13.85
CA GLU B 174 9.90 -24.23 -12.85
C GLU B 174 10.40 -22.95 -12.21
N LYS B 175 9.97 -21.82 -12.77
CA LYS B 175 10.35 -20.53 -12.24
C LYS B 175 10.35 -20.51 -10.72
N THR B 176 11.41 -19.99 -10.11
CA THR B 176 11.47 -19.95 -8.66
C THR B 176 10.83 -18.70 -8.05
N ILE B 177 10.85 -17.63 -8.84
CA ILE B 177 10.28 -16.34 -8.47
C ILE B 177 9.70 -15.60 -9.70
N VAL B 178 8.53 -15.00 -9.54
CA VAL B 178 7.90 -14.28 -10.66
C VAL B 178 7.50 -12.83 -10.35
N PRO B 179 7.49 -11.95 -11.39
CA PRO B 179 7.11 -10.55 -11.17
C PRO B 179 5.65 -10.52 -10.72
N TRP B 180 5.39 -9.81 -9.63
CA TRP B 180 4.03 -9.71 -9.13
C TRP B 180 3.00 -9.70 -10.27
N LYS B 181 3.20 -8.77 -11.20
CA LYS B 181 2.34 -8.60 -12.36
C LYS B 181 1.85 -9.93 -12.94
N SER B 182 2.82 -10.77 -13.29
CA SER B 182 2.56 -12.07 -13.85
C SER B 182 1.74 -12.96 -12.94
N PHE B 183 2.21 -13.09 -11.72
CA PHE B 183 1.51 -13.90 -10.78
C PHE B 183 0.04 -13.55 -10.71
N ARG B 184 -0.22 -12.25 -10.76
CA ARG B 184 -1.58 -11.76 -10.68
C ARG B 184 -2.44 -12.22 -11.86
N GLN B 185 -1.97 -11.90 -13.06
CA GLN B 185 -2.71 -12.29 -14.22
C GLN B 185 -2.96 -13.77 -14.24
N ALA B 186 -1.89 -14.55 -14.10
CA ALA B 186 -2.04 -15.98 -14.09
C ALA B 186 -3.04 -16.47 -13.03
N LEU B 187 -2.99 -15.90 -11.82
CA LEU B 187 -3.88 -16.33 -10.79
C LEU B 187 -5.34 -16.01 -11.07
N HIS B 188 -5.55 -14.82 -11.62
CA HIS B 188 -6.88 -14.37 -11.94
C HIS B 188 -7.67 -15.31 -12.85
N GLU B 189 -6.97 -16.15 -13.60
CA GLU B 189 -7.65 -17.07 -14.50
C GLU B 189 -8.45 -18.10 -13.78
N VAL B 190 -7.95 -18.53 -12.63
CA VAL B 190 -8.62 -19.53 -11.83
C VAL B 190 -9.34 -18.94 -10.63
N HIS B 191 -8.74 -17.87 -10.10
CA HIS B 191 -9.30 -17.15 -8.97
C HIS B 191 -9.37 -15.64 -9.25
N PRO B 192 -10.52 -15.18 -9.76
CA PRO B 192 -10.87 -13.80 -10.13
C PRO B 192 -10.61 -12.72 -9.08
N ILE B 193 -9.80 -11.73 -9.45
CA ILE B 193 -9.51 -10.65 -8.55
C ILE B 193 -10.46 -9.48 -8.75
N SER B 194 -11.20 -9.15 -7.70
CA SER B 194 -12.18 -8.07 -7.76
C SER B 194 -11.72 -6.78 -8.40
N SER B 195 -10.94 -6.01 -7.66
CA SER B 195 -10.48 -4.72 -8.13
C SER B 195 -8.98 -4.54 -8.22
N GLY B 196 -8.58 -3.33 -8.59
CA GLY B 196 -7.16 -3.02 -8.67
C GLY B 196 -6.70 -2.85 -7.24
N LEU B 197 -7.65 -2.56 -6.36
CA LEU B 197 -7.38 -2.40 -4.95
C LEU B 197 -7.32 -3.77 -4.25
N GLU B 198 -8.29 -4.63 -4.54
CA GLU B 198 -8.29 -5.95 -3.94
C GLU B 198 -6.94 -6.62 -4.17
N ALA B 199 -6.45 -6.46 -5.38
CA ALA B 199 -5.19 -7.00 -5.75
C ALA B 199 -4.05 -6.37 -4.96
N MET B 200 -4.12 -5.06 -4.73
CA MET B 200 -3.09 -4.41 -3.94
C MET B 200 -3.06 -4.98 -2.54
N ALA B 201 -4.25 -5.36 -2.06
CA ALA B 201 -4.36 -5.96 -0.76
C ALA B 201 -3.76 -7.37 -0.81
N LEU B 202 -4.20 -8.13 -1.80
CA LEU B 202 -3.68 -9.45 -1.98
C LEU B 202 -2.15 -9.43 -1.97
N LYS B 203 -1.60 -8.65 -2.88
CA LYS B 203 -0.16 -8.52 -2.98
C LYS B 203 0.53 -8.26 -1.66
N SER B 204 -0.03 -7.36 -0.85
CA SER B 204 0.59 -7.05 0.43
C SER B 204 0.59 -8.26 1.36
N THR B 205 -0.47 -9.07 1.27
CA THR B 205 -0.56 -10.27 2.07
C THR B 205 0.48 -11.33 1.65
N ILE B 206 0.67 -11.54 0.35
CA ILE B 206 1.63 -12.52 -0.16
C ILE B 206 3.09 -12.11 -0.18
N ASP B 207 3.37 -10.93 -0.70
CA ASP B 207 4.73 -10.44 -0.83
C ASP B 207 5.43 -10.18 0.51
N LEU B 208 5.67 -11.25 1.25
CA LEU B 208 6.31 -11.20 2.56
C LEU B 208 7.71 -10.63 2.60
N THR B 209 8.41 -10.65 1.48
CA THR B 209 9.74 -10.07 1.47
C THR B 209 9.71 -8.64 0.95
N CYS B 210 8.50 -8.12 0.77
CA CYS B 210 8.31 -6.77 0.27
C CYS B 210 9.28 -6.37 -0.84
N ASN B 211 9.15 -7.01 -1.99
CA ASN B 211 10.03 -6.70 -3.09
C ASN B 211 9.36 -6.81 -4.46
N ASP B 212 8.04 -6.65 -4.47
CA ASP B 212 7.27 -6.71 -5.70
C ASP B 212 7.46 -8.00 -6.55
N TYR B 213 7.87 -9.06 -5.87
CA TYR B 213 8.07 -10.38 -6.46
C TYR B 213 7.43 -11.47 -5.60
N ILE B 214 6.86 -12.47 -6.26
CA ILE B 214 6.27 -13.56 -5.56
C ILE B 214 7.06 -14.83 -5.78
N SER B 215 7.62 -15.41 -4.73
CA SER B 215 8.38 -16.64 -4.91
C SER B 215 7.62 -17.91 -4.56
N VAL B 216 8.02 -19.02 -5.18
CA VAL B 216 7.39 -20.29 -4.90
C VAL B 216 7.19 -20.51 -3.40
N PHE B 217 8.17 -20.03 -2.62
CA PHE B 217 8.13 -20.12 -1.15
C PHE B 217 7.00 -19.26 -0.58
N GLU B 218 6.94 -18.01 -1.04
CA GLU B 218 5.90 -17.11 -0.62
C GLU B 218 4.57 -17.67 -1.03
N PHE B 219 4.51 -18.16 -2.26
CA PHE B 219 3.31 -18.75 -2.77
C PHE B 219 2.81 -19.89 -1.88
N ASP B 220 3.73 -20.78 -1.51
CA ASP B 220 3.37 -21.91 -0.65
C ASP B 220 2.75 -21.48 0.68
N ILE B 221 3.42 -20.55 1.34
CA ILE B 221 2.94 -20.05 2.61
C ILE B 221 1.55 -19.47 2.54
N PHE B 222 1.29 -18.70 1.50
CA PHE B 222 -0.03 -18.15 1.35
C PHE B 222 -1.06 -19.27 1.23
N THR B 223 -0.92 -20.07 0.18
CA THR B 223 -1.79 -21.19 -0.09
C THR B 223 -2.03 -22.12 1.11
N ARG B 224 -1.07 -22.16 2.04
CA ARG B 224 -1.23 -22.98 3.22
C ARG B 224 -2.16 -22.29 4.24
N LEU B 225 -1.90 -21.02 4.45
CA LEU B 225 -2.67 -20.20 5.36
C LEU B 225 -4.12 -20.04 4.94
N PHE B 226 -4.33 -19.91 3.63
CA PHE B 226 -5.65 -19.68 3.07
C PHE B 226 -6.35 -20.84 2.39
N GLN B 227 -5.84 -22.05 2.59
CA GLN B 227 -6.48 -23.20 2.04
C GLN B 227 -7.94 -23.24 2.46
N PRO B 228 -8.76 -24.04 1.79
CA PRO B 228 -8.43 -24.92 0.67
C PRO B 228 -8.16 -24.12 -0.63
N TRP B 229 -7.31 -24.66 -1.51
CA TRP B 229 -7.05 -23.97 -2.75
C TRP B 229 -8.32 -23.73 -3.57
N SER B 230 -9.26 -24.67 -3.48
CA SER B 230 -10.49 -24.54 -4.21
C SER B 230 -11.04 -23.14 -4.20
N SER B 231 -11.19 -22.56 -3.00
CA SER B 231 -11.70 -21.21 -2.86
C SER B 231 -10.67 -20.22 -2.31
N LEU B 232 -9.42 -20.37 -2.74
CA LEU B 232 -8.36 -19.53 -2.25
C LEU B 232 -8.71 -18.08 -1.87
N LEU B 233 -8.89 -17.23 -2.86
CA LEU B 233 -9.17 -15.82 -2.60
C LEU B 233 -10.44 -15.52 -1.79
N ARG B 234 -11.47 -16.34 -1.95
CA ARG B 234 -12.71 -16.16 -1.22
C ARG B 234 -12.51 -16.39 0.28
N ASN B 235 -11.59 -17.28 0.62
CA ASN B 235 -11.28 -17.52 2.00
C ASN B 235 -10.52 -16.33 2.54
N TRP B 236 -9.49 -15.94 1.79
CA TRP B 236 -8.70 -14.79 2.11
C TRP B 236 -9.60 -13.58 2.35
N ASN B 237 -10.53 -13.38 1.44
CA ASN B 237 -11.47 -12.28 1.56
C ASN B 237 -12.17 -12.29 2.90
N SER B 238 -12.61 -13.47 3.31
CA SER B 238 -13.35 -13.66 4.56
C SER B 238 -12.49 -13.74 5.82
N LEU B 239 -11.21 -14.03 5.66
CA LEU B 239 -10.35 -14.13 6.81
C LEU B 239 -9.38 -12.95 6.94
N ALA B 240 -9.40 -12.04 5.98
CA ALA B 240 -8.49 -10.90 6.05
C ALA B 240 -9.01 -9.59 5.42
N VAL B 241 -9.66 -9.69 4.27
CA VAL B 241 -10.15 -8.51 3.64
C VAL B 241 -11.34 -7.88 4.37
N THR B 242 -12.19 -8.70 4.95
CA THR B 242 -13.33 -8.18 5.64
C THR B 242 -13.47 -8.63 7.10
N HIS B 243 -12.37 -9.09 7.67
CA HIS B 243 -12.39 -9.55 9.03
C HIS B 243 -11.50 -8.72 9.97
N PRO B 244 -12.14 -7.92 10.84
CA PRO B 244 -11.45 -7.07 11.81
C PRO B 244 -10.36 -7.76 12.64
N GLY B 245 -10.42 -9.08 12.74
CA GLY B 245 -9.44 -9.80 13.52
C GLY B 245 -8.10 -9.93 12.82
N TYR B 246 -8.14 -10.03 11.50
CA TYR B 246 -6.90 -10.16 10.78
C TYR B 246 -5.96 -8.99 10.95
N MET B 247 -4.76 -9.28 11.44
CA MET B 247 -3.76 -8.26 11.64
C MET B 247 -2.55 -8.45 10.71
N ALA B 248 -2.37 -7.54 9.76
CA ALA B 248 -1.28 -7.63 8.81
C ALA B 248 0.05 -8.08 9.37
N PHE B 249 1.02 -7.18 9.38
CA PHE B 249 2.34 -7.51 9.86
C PHE B 249 2.62 -7.25 11.33
N LEU B 250 2.03 -8.04 12.22
CA LEU B 250 2.28 -7.86 13.64
C LEU B 250 3.02 -9.02 14.29
N THR B 251 3.72 -8.76 15.39
CA THR B 251 4.45 -9.79 16.09
C THR B 251 3.76 -10.23 17.39
N TYR B 252 4.33 -11.23 18.03
CA TYR B 252 3.78 -11.69 19.27
C TYR B 252 3.66 -10.56 20.30
N ASP B 253 4.75 -9.82 20.49
CA ASP B 253 4.71 -8.73 21.41
C ASP B 253 3.62 -7.75 21.06
N GLU B 254 3.63 -7.29 19.81
CA GLU B 254 2.65 -6.35 19.30
C GLU B 254 1.19 -6.79 19.48
N VAL B 255 0.93 -8.09 19.35
CA VAL B 255 -0.42 -8.59 19.52
C VAL B 255 -0.87 -8.48 20.97
N LYS B 256 0.04 -8.77 21.89
CA LYS B 256 -0.23 -8.66 23.31
C LYS B 256 -0.36 -7.19 23.67
N ALA B 257 0.62 -6.40 23.24
CA ALA B 257 0.59 -4.97 23.47
C ALA B 257 -0.73 -4.37 23.03
N ARG B 258 -1.18 -4.77 21.84
CA ARG B 258 -2.44 -4.30 21.27
C ARG B 258 -3.69 -4.81 22.00
N LEU B 259 -3.80 -6.12 22.22
CA LEU B 259 -4.98 -6.61 22.91
C LEU B 259 -5.13 -6.09 24.34
N GLN B 260 -4.08 -5.44 24.86
CA GLN B 260 -4.10 -4.89 26.19
C GLN B 260 -5.14 -3.79 26.43
N LYS B 261 -5.63 -3.17 25.36
CA LYS B 261 -6.64 -2.15 25.55
C LYS B 261 -8.02 -2.77 25.79
N PHE B 262 -8.11 -4.07 25.53
CA PHE B 262 -9.32 -4.81 25.77
C PHE B 262 -9.01 -5.85 26.83
N ILE B 263 -7.79 -5.66 27.36
CA ILE B 263 -7.13 -6.46 28.40
C ILE B 263 -7.99 -7.29 29.33
N HIS B 264 -9.21 -6.85 29.57
CA HIS B 264 -10.07 -7.57 30.43
C HIS B 264 -11.52 -7.42 29.88
N LYS B 265 -11.60 -7.70 28.58
CA LYS B 265 -12.82 -7.71 27.82
C LYS B 265 -12.92 -9.10 27.18
N PRO B 266 -12.89 -10.15 28.02
CA PRO B 266 -12.94 -11.55 27.61
C PRO B 266 -13.69 -11.78 26.31
N GLY B 267 -13.00 -12.40 25.36
CA GLY B 267 -13.59 -12.68 24.05
C GLY B 267 -12.80 -11.98 22.97
N SER B 268 -12.28 -10.81 23.33
CA SER B 268 -11.50 -10.04 22.41
C SER B 268 -10.32 -10.80 21.88
N TYR B 269 -10.24 -10.90 20.55
CA TYR B 269 -9.16 -11.62 19.90
C TYR B 269 -8.78 -11.09 18.53
N ILE B 270 -7.53 -11.34 18.16
CA ILE B 270 -7.01 -10.95 16.88
C ILE B 270 -6.09 -12.04 16.35
N PHE B 271 -6.00 -12.19 15.03
CA PHE B 271 -5.12 -13.18 14.50
C PHE B 271 -4.15 -12.64 13.49
N ARG B 272 -3.03 -13.34 13.37
CA ARG B 272 -1.96 -12.95 12.48
C ARG B 272 -1.18 -14.15 11.99
N LEU B 273 -0.14 -13.88 11.21
CA LEU B 273 0.73 -14.91 10.73
C LEU B 273 1.78 -15.24 11.78
N SER B 274 2.16 -16.51 11.93
CA SER B 274 3.18 -16.83 12.89
C SER B 274 4.57 -16.50 12.39
N CYS B 275 5.47 -16.19 13.30
CA CYS B 275 6.80 -15.86 12.92
C CYS B 275 7.77 -17.05 12.91
N THR B 276 7.62 -17.94 13.88
CA THR B 276 8.46 -19.13 13.97
C THR B 276 7.86 -20.29 13.20
N ARG B 277 6.54 -20.44 13.27
CA ARG B 277 5.87 -21.50 12.54
C ARG B 277 5.18 -20.99 11.24
N LEU B 278 6.00 -20.44 10.35
CA LEU B 278 5.53 -19.91 9.07
C LEU B 278 4.53 -20.79 8.35
N GLY B 279 3.45 -20.18 7.87
CA GLY B 279 2.46 -20.96 7.18
C GLY B 279 1.34 -21.34 8.12
N GLN B 280 1.43 -20.86 9.35
CA GLN B 280 0.41 -21.13 10.31
C GLN B 280 -0.04 -19.89 11.08
N TRP B 281 -1.25 -19.99 11.62
CA TRP B 281 -1.88 -18.92 12.35
C TRP B 281 -1.53 -18.78 13.81
N ALA B 282 -1.68 -17.57 14.31
CA ALA B 282 -1.40 -17.28 15.69
C ALA B 282 -2.47 -16.44 16.36
N ILE B 283 -3.56 -17.07 16.78
CA ILE B 283 -4.61 -16.36 17.45
C ILE B 283 -4.14 -15.70 18.77
N GLY B 284 -4.70 -14.54 19.09
CA GLY B 284 -4.36 -13.85 20.32
C GLY B 284 -5.68 -13.53 20.99
N TYR B 285 -5.90 -14.04 22.20
CA TYR B 285 -7.15 -13.78 22.90
C TYR B 285 -7.09 -13.46 24.41
N VAL B 286 -8.22 -12.96 24.92
CA VAL B 286 -8.40 -12.57 26.32
C VAL B 286 -9.37 -13.48 27.10
N THR B 287 -8.79 -14.18 28.07
CA THR B 287 -9.48 -15.12 28.94
C THR B 287 -10.39 -14.51 29.96
N ALA B 288 -11.46 -15.24 30.25
CA ALA B 288 -12.43 -14.79 31.23
C ALA B 288 -11.78 -14.20 32.48
N ASP B 289 -10.62 -14.72 32.84
CA ASP B 289 -9.93 -14.20 34.00
C ASP B 289 -8.93 -13.10 33.63
N GLY B 290 -9.28 -12.36 32.59
CA GLY B 290 -8.47 -11.24 32.12
C GLY B 290 -7.03 -11.51 31.74
N ASN B 291 -6.79 -12.54 30.95
CA ASN B 291 -5.45 -12.83 30.52
C ASN B 291 -5.29 -12.98 29.00
N ILE B 292 -4.09 -12.69 28.51
CA ILE B 292 -3.81 -12.74 27.09
C ILE B 292 -2.96 -13.94 26.61
N LEU B 293 -3.64 -14.89 25.97
CA LEU B 293 -2.98 -16.07 25.43
C LEU B 293 -2.93 -16.07 23.91
N GLN B 294 -2.11 -16.97 23.36
CA GLN B 294 -1.97 -17.06 21.94
C GLN B 294 -1.77 -18.48 21.47
N THR B 295 -2.71 -18.97 20.67
CA THR B 295 -2.64 -20.32 20.16
C THR B 295 -2.39 -20.41 18.67
N ILE B 296 -1.71 -21.48 18.26
CA ILE B 296 -1.43 -21.74 16.86
C ILE B 296 -2.17 -22.97 16.39
N PRO B 297 -3.32 -22.79 15.75
CA PRO B 297 -4.15 -23.87 15.24
C PRO B 297 -3.40 -25.08 14.68
N HIS B 298 -3.72 -26.26 15.22
CA HIS B 298 -3.14 -27.53 14.80
C HIS B 298 -4.21 -28.60 14.68
N ASN B 299 -4.14 -29.38 13.60
CA ASN B 299 -5.13 -30.42 13.39
C ASN B 299 -6.53 -29.87 13.14
N LYS B 300 -6.57 -28.57 12.86
CA LYS B 300 -7.80 -27.87 12.53
C LYS B 300 -7.48 -26.55 11.82
N PRO B 301 -8.11 -26.32 10.67
CA PRO B 301 -7.86 -25.09 9.90
C PRO B 301 -8.33 -23.86 10.66
N LEU B 302 -7.67 -22.72 10.43
CA LEU B 302 -8.08 -21.51 11.10
C LEU B 302 -9.58 -21.31 11.01
N PHE B 303 -10.14 -21.68 9.86
CA PHE B 303 -11.55 -21.57 9.64
C PHE B 303 -12.33 -22.21 10.77
N GLN B 304 -11.94 -23.43 11.10
CA GLN B 304 -12.58 -24.20 12.15
C GLN B 304 -12.30 -23.66 13.56
N ALA B 305 -11.02 -23.40 13.87
CA ALA B 305 -10.67 -22.87 15.17
C ALA B 305 -11.57 -21.70 15.53
N LEU B 306 -11.68 -20.76 14.60
CA LEU B 306 -12.50 -19.59 14.78
C LEU B 306 -13.97 -19.93 15.05
N ILE B 307 -14.54 -20.86 14.29
CA ILE B 307 -15.92 -21.23 14.49
C ILE B 307 -16.20 -21.79 15.87
N ASP B 308 -15.34 -22.71 16.30
CA ASP B 308 -15.50 -23.31 17.60
C ASP B 308 -15.21 -22.34 18.74
N GLY B 309 -14.05 -21.69 18.65
CA GLY B 309 -13.64 -20.73 19.67
C GLY B 309 -14.76 -19.76 19.96
N PHE B 310 -15.39 -19.27 18.89
CA PHE B 310 -16.50 -18.38 19.08
C PHE B 310 -17.63 -19.08 19.83
N ARG B 311 -17.94 -20.30 19.42
CA ARG B 311 -18.97 -21.05 20.10
C ARG B 311 -18.69 -21.20 21.60
N GLU B 312 -17.44 -21.50 21.94
CA GLU B 312 -17.04 -21.68 23.33
C GLU B 312 -16.66 -20.42 24.12
N GLY B 313 -16.92 -19.25 23.53
CA GLY B 313 -16.64 -18.00 24.23
C GLY B 313 -15.19 -17.58 24.34
N PHE B 314 -14.41 -17.82 23.30
CA PHE B 314 -13.02 -17.44 23.28
C PHE B 314 -12.70 -16.51 22.11
N TYR B 315 -13.46 -16.71 21.04
CA TYR B 315 -13.34 -15.92 19.84
C TYR B 315 -14.66 -15.23 19.52
N LEU B 316 -14.96 -14.21 20.32
CA LEU B 316 -16.19 -13.44 20.23
C LEU B 316 -16.07 -12.01 19.64
N PHE B 317 -15.09 -11.26 20.11
CA PHE B 317 -14.92 -9.89 19.65
C PHE B 317 -13.65 -9.62 18.88
N PRO B 318 -13.72 -9.72 17.55
CA PRO B 318 -12.55 -9.49 16.69
C PRO B 318 -11.96 -8.12 16.89
N ASP B 319 -10.87 -8.07 17.65
CA ASP B 319 -10.20 -6.81 17.93
C ASP B 319 -11.10 -5.81 18.64
N GLY B 320 -11.72 -6.24 19.73
CA GLY B 320 -12.59 -5.36 20.48
C GLY B 320 -13.99 -5.35 19.90
N ARG B 321 -14.09 -5.19 18.58
CA ARG B 321 -15.37 -5.14 17.91
C ARG B 321 -16.47 -5.99 18.57
N ASN B 322 -17.63 -5.39 18.83
CA ASN B 322 -18.70 -6.13 19.43
C ASN B 322 -19.28 -7.20 18.52
N GLN B 323 -19.33 -6.91 17.23
CA GLN B 323 -19.84 -7.84 16.25
C GLN B 323 -18.77 -8.75 15.66
N ASN B 324 -19.14 -9.98 15.33
CA ASN B 324 -18.20 -10.94 14.76
C ASN B 324 -18.61 -11.47 13.38
N PRO B 325 -17.63 -11.68 12.49
CA PRO B 325 -17.88 -12.19 11.15
C PRO B 325 -18.59 -13.57 11.17
N ASP B 326 -19.45 -13.80 10.19
CA ASP B 326 -20.14 -15.08 10.11
C ASP B 326 -19.49 -16.05 9.11
N LEU B 327 -18.37 -16.63 9.50
CA LEU B 327 -17.63 -17.56 8.65
C LEU B 327 -18.44 -18.75 8.13
N THR B 328 -19.55 -19.04 8.79
CA THR B 328 -20.39 -20.14 8.36
C THR B 328 -20.81 -20.05 6.87
N GLY B 329 -20.71 -18.85 6.30
CA GLY B 329 -21.02 -18.69 4.90
C GLY B 329 -19.93 -19.40 4.11
N SER C 2 -0.70 22.54 -19.91
CA SER C 2 -1.40 23.56 -20.75
C SER C 2 -2.87 23.13 -21.04
N PHE C 3 -3.51 23.83 -21.98
CA PHE C 3 -4.92 23.58 -22.33
C PHE C 3 -5.29 22.20 -22.87
N LEU C 4 -6.56 21.85 -22.67
CA LEU C 4 -7.13 20.59 -23.07
C LEU C 4 -8.13 20.70 -24.23
N GLN C 5 -8.84 19.60 -24.41
CA GLN C 5 -9.90 19.38 -25.43
C GLN C 5 -10.46 17.97 -25.20
N ARG C 6 -9.54 17.14 -24.71
CA ARG C 6 -9.72 15.75 -24.36
C ARG C 6 -11.13 15.20 -24.06
N PTR C 7 -11.88 15.89 -23.22
CA PTR C 7 -13.19 15.37 -22.78
C PTR C 7 -14.41 15.48 -23.70
O PTR C 7 -14.61 16.47 -24.34
CB PTR C 7 -13.49 15.95 -21.40
CG PTR C 7 -12.45 15.53 -20.38
CD1 PTR C 7 -12.36 14.18 -19.96
CD2 PTR C 7 -11.52 16.47 -19.88
CE1 PTR C 7 -11.34 13.82 -19.02
CE2 PTR C 7 -10.51 16.12 -18.95
CZ PTR C 7 -10.44 14.80 -18.55
OH PTR C 7 -9.42 14.44 -17.62
P PTR C 7 -8.10 15.33 -17.20
O1P PTR C 7 -7.56 15.98 -18.41
O2P PTR C 7 -7.06 14.45 -16.59
O3P PTR C 7 -8.48 16.38 -16.23
N SER C 8 -15.19 14.41 -23.68
CA SER C 8 -16.39 14.22 -24.49
C SER C 8 -17.73 14.21 -23.74
N SER C 9 -18.81 14.54 -24.44
CA SER C 9 -20.14 14.60 -23.81
C SER C 9 -20.71 13.25 -23.42
N ASP C 10 -21.42 13.21 -22.30
CA ASP C 10 -22.03 11.96 -21.90
C ASP C 10 -23.02 11.45 -22.95
N PRO C 11 -22.75 10.26 -23.51
CA PRO C 11 -23.62 9.67 -24.54
C PRO C 11 -25.00 9.33 -23.96
N THR C 12 -25.85 10.35 -23.88
CA THR C 12 -27.20 10.24 -23.35
C THR C 12 -28.11 11.41 -23.71
N PRO D 26 5.51 17.76 12.92
CA PRO D 26 6.61 18.33 12.12
C PRO D 26 7.31 19.56 12.78
N GLY D 27 8.56 19.81 12.38
CA GLY D 27 9.31 20.93 12.92
C GLY D 27 8.83 22.25 12.35
N THR D 28 9.62 23.30 12.53
CA THR D 28 9.25 24.62 12.02
C THR D 28 9.71 24.90 10.57
N VAL D 29 8.85 25.55 9.79
CA VAL D 29 9.17 25.88 8.41
C VAL D 29 9.77 27.29 8.24
N ASP D 30 11.09 27.37 8.32
CA ASP D 30 11.80 28.64 8.19
C ASP D 30 12.15 29.03 6.75
N LYS D 31 12.38 30.32 6.52
CA LYS D 31 12.74 30.86 5.21
C LYS D 31 13.78 29.98 4.43
N LYS D 32 14.73 29.41 5.17
CA LYS D 32 15.73 28.54 4.57
C LYS D 32 15.06 27.32 3.92
N MET D 33 14.18 26.70 4.69
CA MET D 33 13.42 25.54 4.28
C MET D 33 12.95 25.60 2.82
N VAL D 34 12.23 26.68 2.48
CA VAL D 34 11.74 26.85 1.13
C VAL D 34 12.90 26.81 0.13
N GLU D 35 13.98 27.49 0.47
CA GLU D 35 15.17 27.53 -0.36
C GLU D 35 15.55 26.13 -0.87
N LYS D 36 15.75 25.22 0.07
CA LYS D 36 16.07 23.86 -0.27
C LYS D 36 15.04 23.26 -1.24
N CYS D 37 13.77 23.30 -0.85
CA CYS D 37 12.71 22.77 -1.69
C CYS D 37 12.75 23.26 -3.11
N TRP D 38 13.16 24.51 -3.26
CA TRP D 38 13.29 25.11 -4.58
C TRP D 38 14.43 24.48 -5.37
N LYS D 39 15.61 24.46 -4.76
CA LYS D 39 16.75 23.84 -5.40
C LYS D 39 16.36 22.45 -5.88
N LEU D 40 15.60 21.74 -5.05
CA LEU D 40 15.12 20.41 -5.39
C LEU D 40 14.15 20.41 -6.55
N MET D 41 13.30 21.44 -6.57
CA MET D 41 12.36 21.60 -7.63
C MET D 41 13.03 21.99 -8.93
N ASP D 42 14.10 22.76 -8.81
CA ASP D 42 14.85 23.16 -9.97
C ASP D 42 15.37 21.94 -10.70
N LYS D 43 15.91 20.99 -9.94
CA LYS D 43 16.42 19.79 -10.57
C LYS D 43 15.31 18.89 -11.13
N VAL D 44 14.38 18.47 -10.28
CA VAL D 44 13.32 17.64 -10.77
C VAL D 44 12.77 18.09 -12.13
N VAL D 45 12.77 19.41 -12.37
CA VAL D 45 12.29 19.91 -13.65
C VAL D 45 13.21 19.48 -14.77
N ARG D 46 14.45 19.97 -14.74
CA ARG D 46 15.44 19.62 -15.76
C ARG D 46 15.39 18.14 -16.12
N LEU D 47 15.49 17.29 -15.11
CA LEU D 47 15.41 15.86 -15.35
C LEU D 47 14.24 15.54 -16.27
N CYS D 48 13.09 16.13 -15.98
CA CYS D 48 11.92 15.90 -16.78
C CYS D 48 11.94 16.65 -18.11
N GLN D 49 12.89 17.55 -18.27
CA GLN D 49 13.02 18.30 -19.48
C GLN D 49 13.82 17.58 -20.55
N ASN D 50 14.30 16.39 -20.21
CA ASN D 50 15.07 15.60 -21.15
C ASN D 50 14.24 14.96 -22.27
N PRO D 51 14.64 15.23 -23.52
CA PRO D 51 13.98 14.73 -24.72
C PRO D 51 13.58 13.26 -24.67
N LYS D 52 14.51 12.37 -24.33
CA LYS D 52 14.20 10.95 -24.25
C LYS D 52 12.85 10.65 -23.58
N LEU D 53 12.49 11.48 -22.60
CA LEU D 53 11.23 11.32 -21.90
C LEU D 53 10.03 11.60 -22.79
N ALA D 54 10.23 12.53 -23.72
CA ALA D 54 9.18 12.93 -24.64
C ALA D 54 7.85 13.14 -23.91
N LEU D 55 7.90 13.92 -22.82
CA LEU D 55 6.72 14.21 -22.04
C LEU D 55 5.70 15.05 -22.77
N LYS D 56 4.44 14.64 -22.73
CA LYS D 56 3.39 15.41 -23.38
C LYS D 56 2.79 16.51 -22.49
N ASN D 57 2.30 17.55 -23.15
CA ASN D 57 1.72 18.69 -22.49
C ASN D 57 0.50 18.42 -21.64
N SER D 58 -0.26 17.40 -22.02
CA SER D 58 -1.46 17.02 -21.30
C SER D 58 -1.29 16.91 -19.79
N PRO D 59 -2.29 17.36 -19.03
CA PRO D 59 -2.20 17.28 -17.58
C PRO D 59 -2.56 15.86 -17.09
N PRO D 60 -1.92 15.41 -15.99
CA PRO D 60 -0.92 16.21 -15.27
C PRO D 60 0.33 16.43 -16.10
N TYR D 61 0.88 17.63 -16.03
CA TYR D 61 2.08 17.96 -16.77
C TYR D 61 3.17 18.56 -15.89
N ILE D 62 3.84 17.68 -15.14
CA ILE D 62 4.89 18.10 -14.22
C ILE D 62 5.66 19.35 -14.61
N LEU D 63 6.09 19.45 -15.86
CA LEU D 63 6.82 20.63 -16.31
C LEU D 63 6.14 21.96 -15.97
N ASP D 64 4.88 21.88 -15.56
CA ASP D 64 4.13 23.06 -15.19
C ASP D 64 3.81 23.11 -13.68
N LEU D 65 3.24 22.02 -13.19
CA LEU D 65 2.88 21.92 -11.80
C LEU D 65 3.97 22.47 -10.86
N LEU D 66 5.23 22.18 -11.14
CA LEU D 66 6.29 22.70 -10.29
C LEU D 66 6.45 24.22 -10.40
N PRO D 67 6.68 24.71 -11.63
CA PRO D 67 6.84 26.16 -11.79
C PRO D 67 5.68 26.86 -11.08
N ASP D 68 4.46 26.41 -11.37
CA ASP D 68 3.28 26.98 -10.73
C ASP D 68 3.30 26.87 -9.21
N THR D 69 3.69 25.71 -8.71
CA THR D 69 3.79 25.54 -7.30
C THR D 69 4.76 26.55 -6.72
N TYR D 70 5.93 26.63 -7.34
CA TYR D 70 6.93 27.60 -6.91
C TYR D 70 6.32 28.97 -6.89
N GLN D 71 5.62 29.28 -7.98
CA GLN D 71 4.95 30.56 -8.11
C GLN D 71 4.04 30.85 -6.93
N HIS D 72 3.15 29.91 -6.65
CA HIS D 72 2.24 30.08 -5.57
C HIS D 72 2.92 30.26 -4.23
N LEU D 73 3.92 29.42 -3.97
CA LEU D 73 4.66 29.52 -2.74
C LEU D 73 5.26 30.90 -2.56
N ARG D 74 5.61 31.52 -3.69
CA ARG D 74 6.14 32.84 -3.65
C ARG D 74 5.05 33.83 -3.25
N THR D 75 3.87 33.68 -3.87
CA THR D 75 2.74 34.50 -3.53
C THR D 75 2.45 34.41 -2.04
N ILE D 76 2.39 33.19 -1.52
CA ILE D 76 2.16 33.01 -0.11
C ILE D 76 3.21 33.72 0.71
N LEU D 77 4.47 33.35 0.49
CA LEU D 77 5.56 33.98 1.21
C LEU D 77 5.58 35.50 1.07
N SER D 78 5.03 36.00 -0.04
CA SER D 78 4.98 37.43 -0.22
C SER D 78 3.97 38.08 0.73
N ARG D 79 2.90 37.36 1.01
CA ARG D 79 1.88 37.87 1.88
C ARG D 79 2.17 37.71 3.36
N TYR D 80 2.95 36.69 3.72
CA TYR D 80 3.33 36.56 5.11
C TYR D 80 4.63 37.26 5.34
N GLU D 81 4.97 38.08 4.36
CA GLU D 81 6.19 38.87 4.34
C GLU D 81 6.43 39.61 5.65
N GLY D 82 7.05 38.90 6.59
CA GLY D 82 7.34 39.46 7.90
C GLY D 82 6.81 38.48 8.91
N LYS D 83 5.48 38.37 8.99
CA LYS D 83 4.86 37.44 9.90
C LYS D 83 5.19 35.97 9.56
N MET D 84 6.41 35.77 9.06
CA MET D 84 6.93 34.46 8.68
C MET D 84 6.75 33.37 9.74
N GLU D 85 6.81 33.78 11.00
CA GLU D 85 6.64 32.84 12.06
C GLU D 85 5.20 32.37 12.16
N THR D 86 4.27 33.26 11.81
CA THR D 86 2.87 32.89 11.82
C THR D 86 2.63 31.74 10.85
N LEU D 87 3.40 31.76 9.78
CA LEU D 87 3.35 30.78 8.74
C LEU D 87 4.07 29.48 9.11
N GLY D 88 5.35 29.62 9.45
CA GLY D 88 6.13 28.46 9.84
C GLY D 88 5.39 27.66 10.89
N GLU D 89 4.58 28.36 11.67
CA GLU D 89 3.79 27.75 12.72
C GLU D 89 2.61 26.96 12.17
N ASN D 90 2.05 27.46 11.08
CA ASN D 90 0.91 26.83 10.45
C ASN D 90 1.05 25.33 10.28
N GLU D 91 0.23 24.56 10.99
CA GLU D 91 0.29 23.11 10.91
C GLU D 91 0.28 22.57 9.45
N TYR D 92 -0.78 22.87 8.72
CA TYR D 92 -0.87 22.43 7.34
C TYR D 92 0.33 22.86 6.49
N PHE D 93 0.75 24.10 6.61
CA PHE D 93 1.88 24.55 5.84
C PHE D 93 3.16 23.80 6.21
N ARG D 94 3.24 23.36 7.46
CA ARG D 94 4.41 22.62 7.86
C ARG D 94 4.45 21.30 7.12
N VAL D 95 3.27 20.70 7.02
CA VAL D 95 3.07 19.43 6.34
C VAL D 95 3.43 19.47 4.87
N PHE D 96 2.82 20.42 4.17
CA PHE D 96 3.06 20.60 2.75
C PHE D 96 4.52 20.61 2.38
N MET D 97 5.22 21.65 2.83
CA MET D 97 6.63 21.76 2.55
C MET D 97 7.35 20.45 2.81
N GLU D 98 7.05 19.87 3.97
CA GLU D 98 7.61 18.60 4.35
C GLU D 98 7.32 17.52 3.30
N ASN D 99 6.04 17.32 3.02
CA ASN D 99 5.64 16.38 1.99
C ASN D 99 6.30 16.71 0.66
N LEU D 100 6.18 17.98 0.27
CA LEU D 100 6.78 18.45 -0.95
C LEU D 100 8.24 18.08 -1.08
N MET D 101 9.02 18.49 -0.09
CA MET D 101 10.44 18.19 -0.08
C MET D 101 10.69 16.70 -0.26
N LYS D 102 9.98 15.91 0.54
CA LYS D 102 10.09 14.48 0.45
C LYS D 102 9.77 14.03 -0.98
N LYS D 103 8.67 14.54 -1.51
CA LYS D 103 8.24 14.19 -2.86
C LYS D 103 9.19 14.59 -3.95
N THR D 104 9.81 15.77 -3.85
CA THR D 104 10.76 16.12 -4.90
C THR D 104 11.90 15.11 -4.90
N LYS D 105 12.35 14.74 -3.71
CA LYS D 105 13.42 13.78 -3.58
C LYS D 105 13.09 12.44 -4.23
N GLN D 106 12.04 11.77 -3.73
CA GLN D 106 11.64 10.49 -4.30
C GLN D 106 11.81 10.48 -5.82
N THR D 107 11.46 11.61 -6.44
CA THR D 107 11.58 11.78 -7.88
C THR D 107 13.04 11.76 -8.35
N ILE D 108 13.86 12.52 -7.65
CA ILE D 108 15.28 12.57 -7.94
C ILE D 108 15.87 11.16 -7.91
N SER D 109 15.57 10.42 -6.86
CA SER D 109 16.04 9.06 -6.74
C SER D 109 15.61 8.22 -7.90
N LEU D 110 14.29 8.13 -8.11
CA LEU D 110 13.75 7.37 -9.20
C LEU D 110 14.61 7.42 -10.45
N PHE D 111 15.07 8.62 -10.77
CA PHE D 111 15.95 8.83 -11.91
C PHE D 111 17.31 8.10 -11.78
N LYS D 112 18.11 8.46 -10.77
CA LYS D 112 19.38 7.81 -10.57
C LYS D 112 19.23 6.31 -10.34
N GLU D 113 18.28 5.91 -9.50
CA GLU D 113 18.06 4.50 -9.23
C GLU D 113 17.00 3.89 -10.15
N GLY D 114 16.94 4.44 -11.36
CA GLY D 114 16.02 3.98 -12.39
C GLY D 114 16.80 4.13 -13.69
N LYS D 115 17.87 4.91 -13.59
CA LYS D 115 18.76 5.19 -14.70
C LYS D 115 18.09 5.20 -16.04
N GLU D 116 18.77 4.67 -17.04
CA GLU D 116 18.21 4.67 -18.38
C GLU D 116 16.82 4.05 -18.51
N ARG D 117 16.33 3.43 -17.44
CA ARG D 117 15.01 2.81 -17.48
C ARG D 117 13.86 3.83 -17.50
N MET D 118 14.18 5.09 -17.21
CA MET D 118 13.15 6.10 -17.22
C MET D 118 12.60 6.32 -18.63
N TYR D 119 13.51 6.54 -19.58
CA TYR D 119 13.13 6.75 -20.97
C TYR D 119 12.40 5.55 -21.58
N GLU D 120 12.26 4.49 -20.79
CA GLU D 120 11.53 3.31 -21.23
C GLU D 120 10.06 3.42 -20.89
N GLU D 121 9.25 3.81 -21.87
CA GLU D 121 7.83 3.88 -21.64
C GLU D 121 7.32 2.57 -21.04
N ASN D 122 6.32 2.63 -20.18
CA ASN D 122 5.78 1.43 -19.57
C ASN D 122 6.76 0.69 -18.64
N SER D 123 7.79 1.40 -18.19
CA SER D 123 8.73 0.81 -17.26
C SER D 123 8.38 1.23 -15.85
N GLN D 124 8.30 0.29 -14.91
CA GLN D 124 7.97 0.66 -13.54
C GLN D 124 8.52 2.04 -13.16
N PRO D 125 9.84 2.27 -13.34
CA PRO D 125 10.39 3.57 -12.99
C PRO D 125 9.58 4.70 -13.63
N ARG D 126 9.21 4.52 -14.89
CA ARG D 126 8.43 5.52 -15.60
C ARG D 126 7.02 5.67 -15.05
N ARG D 127 6.41 4.57 -14.61
CA ARG D 127 5.07 4.63 -14.03
C ARG D 127 5.05 5.44 -12.73
N ASN D 128 6.11 5.29 -11.95
CA ASN D 128 6.23 6.04 -10.72
C ASN D 128 6.24 7.53 -11.02
N LEU D 129 6.90 7.87 -12.12
CA LEU D 129 6.95 9.24 -12.54
C LEU D 129 5.54 9.78 -12.80
N THR D 130 4.76 9.06 -13.60
CA THR D 130 3.40 9.48 -13.83
C THR D 130 2.67 9.67 -12.50
N LYS D 131 2.81 8.70 -11.61
CA LYS D 131 2.19 8.81 -10.30
C LYS D 131 2.49 10.16 -9.69
N LEU D 132 3.74 10.37 -9.32
CA LEU D 132 4.11 11.64 -8.75
C LEU D 132 3.44 12.82 -9.47
N SER D 133 3.49 12.80 -10.81
CA SER D 133 2.86 13.87 -11.55
C SER D 133 1.51 14.18 -10.95
N LEU D 134 0.66 13.16 -10.86
CA LEU D 134 -0.66 13.36 -10.27
C LEU D 134 -0.58 14.01 -8.88
N ILE D 135 0.26 13.46 -8.02
CA ILE D 135 0.42 14.02 -6.70
C ILE D 135 0.76 15.49 -6.75
N PHE D 136 1.78 15.84 -7.53
CA PHE D 136 2.12 17.22 -7.67
C PHE D 136 0.91 18.03 -8.08
N SER D 137 0.19 17.53 -9.08
CA SER D 137 -1.03 18.17 -9.51
C SER D 137 -2.01 18.31 -8.36
N HIS D 138 -2.20 17.22 -7.63
CA HIS D 138 -3.07 17.22 -6.47
C HIS D 138 -2.57 18.18 -5.40
N MET D 139 -1.31 18.03 -5.05
CA MET D 139 -0.72 18.90 -4.07
C MET D 139 -1.00 20.35 -4.39
N LEU D 140 -0.74 20.74 -5.64
CA LEU D 140 -0.98 22.09 -6.03
C LEU D 140 -2.44 22.46 -5.81
N ALA D 141 -3.33 21.59 -6.28
CA ALA D 141 -4.75 21.81 -6.10
C ALA D 141 -5.11 22.04 -4.63
N GLU D 142 -4.53 21.21 -3.77
CA GLU D 142 -4.75 21.34 -2.34
C GLU D 142 -4.22 22.68 -1.84
N LEU D 143 -2.95 22.95 -2.11
CA LEU D 143 -2.33 24.19 -1.69
C LEU D 143 -3.14 25.40 -2.11
N LYS D 144 -3.48 25.51 -3.39
CA LYS D 144 -4.26 26.63 -3.86
C LYS D 144 -5.62 26.72 -3.16
N GLY D 145 -6.05 25.61 -2.57
CA GLY D 145 -7.32 25.61 -1.87
C GLY D 145 -7.17 26.06 -0.43
N ILE D 146 -6.09 25.64 0.21
CA ILE D 146 -5.83 26.02 1.57
C ILE D 146 -5.13 27.36 1.67
N PHE D 147 -4.89 27.96 0.51
CA PHE D 147 -4.26 29.25 0.39
C PHE D 147 -4.77 30.05 -0.79
N PRO D 148 -6.11 30.16 -0.95
CA PRO D 148 -6.55 30.94 -2.10
C PRO D 148 -6.00 32.36 -1.90
N SER D 149 -5.63 33.02 -2.98
CA SER D 149 -5.10 34.38 -2.88
C SER D 149 -3.73 34.43 -2.21
N GLY D 150 -3.38 33.34 -1.54
CA GLY D 150 -2.09 33.29 -0.87
C GLY D 150 -2.23 33.51 0.63
N LEU D 151 -3.47 33.65 1.09
CA LEU D 151 -3.76 33.87 2.51
C LEU D 151 -4.44 32.66 3.14
N PHE D 152 -3.80 32.06 4.14
CA PHE D 152 -4.36 30.87 4.78
C PHE D 152 -5.86 30.89 5.09
N GLN D 153 -6.56 29.81 4.75
CA GLN D 153 -7.98 29.73 5.04
C GLN D 153 -8.45 28.31 5.33
N GLY D 154 -7.52 27.50 5.83
CA GLY D 154 -7.83 26.12 6.14
C GLY D 154 -8.96 25.93 7.13
N ASP D 155 -8.85 26.58 8.27
CA ASP D 155 -9.86 26.46 9.33
C ASP D 155 -11.29 26.87 8.95
N THR D 156 -11.45 27.49 7.80
CA THR D 156 -12.77 27.88 7.36
C THR D 156 -13.16 27.29 6.00
N PHE D 157 -12.33 26.37 5.49
CA PHE D 157 -12.59 25.75 4.22
C PHE D 157 -14.07 25.42 4.03
N ARG D 158 -14.60 25.80 2.88
CA ARG D 158 -15.99 25.56 2.56
C ARG D 158 -16.29 24.13 2.12
N ILE D 159 -16.50 23.21 3.05
CA ILE D 159 -16.82 21.86 2.62
C ILE D 159 -18.09 21.82 1.77
N THR D 160 -18.04 21.10 0.65
CA THR D 160 -19.15 21.03 -0.26
C THR D 160 -20.43 20.34 0.22
N LYS D 161 -20.42 19.03 0.34
CA LYS D 161 -21.62 18.36 0.81
C LYS D 161 -21.91 18.61 2.31
N ALA D 162 -23.08 19.18 2.60
CA ALA D 162 -23.49 19.50 3.97
C ALA D 162 -23.11 18.45 5.00
N ASP D 163 -23.73 17.27 4.87
CA ASP D 163 -23.47 16.16 5.76
C ASP D 163 -22.02 16.02 6.17
N ALA D 164 -21.18 15.81 5.17
CA ALA D 164 -19.77 15.66 5.40
C ALA D 164 -19.24 16.81 6.22
N ALA D 165 -19.53 18.03 5.77
CA ALA D 165 -19.08 19.21 6.49
C ALA D 165 -19.33 19.16 8.01
N GLU D 166 -20.45 18.53 8.39
CA GLU D 166 -20.81 18.38 9.79
C GLU D 166 -19.84 17.46 10.51
N PHE D 167 -19.74 16.26 9.97
CA PHE D 167 -18.85 15.27 10.50
C PHE D 167 -17.44 15.83 10.73
N TRP D 168 -16.88 16.48 9.73
CA TRP D 168 -15.56 17.02 9.88
C TRP D 168 -15.44 18.10 10.95
N ARG D 169 -16.27 19.13 10.87
CA ARG D 169 -16.18 20.18 11.87
C ARG D 169 -16.52 19.67 13.26
N LYS D 170 -17.38 18.66 13.32
CA LYS D 170 -17.74 18.09 14.60
C LYS D 170 -16.68 17.12 15.17
N ALA D 171 -16.11 16.29 14.31
CA ALA D 171 -15.08 15.35 14.70
C ALA D 171 -13.71 15.98 14.92
N PHE D 172 -13.31 16.89 14.04
CA PHE D 172 -12.00 17.54 14.15
C PHE D 172 -12.07 19.05 14.39
N GLY D 173 -13.28 19.59 14.44
CA GLY D 173 -13.45 21.00 14.68
C GLY D 173 -12.95 21.89 13.54
N GLU D 174 -11.92 22.68 13.83
CA GLU D 174 -11.38 23.56 12.85
C GLU D 174 -10.09 23.08 12.23
N LYS D 175 -9.55 22.00 12.79
CA LYS D 175 -8.34 21.42 12.27
C LYS D 175 -8.32 21.41 10.74
N THR D 176 -7.22 21.86 10.14
CA THR D 176 -7.13 21.87 8.68
C THR D 176 -6.64 20.53 8.08
N ILE D 177 -5.83 19.84 8.87
CA ILE D 177 -5.26 18.56 8.51
C ILE D 177 -5.10 17.63 9.74
N VAL D 178 -5.45 16.35 9.59
CA VAL D 178 -5.34 15.40 10.69
C VAL D 178 -4.54 14.11 10.38
N PRO D 179 -3.90 13.53 11.41
CA PRO D 179 -3.12 12.30 11.19
C PRO D 179 -4.09 11.20 10.71
N TRP D 180 -3.73 10.52 9.63
CA TRP D 180 -4.58 9.47 9.11
C TRP D 180 -5.27 8.69 10.25
N LYS D 181 -4.45 8.21 11.18
CA LYS D 181 -4.91 7.45 12.34
C LYS D 181 -6.23 7.99 12.91
N SER D 182 -6.19 9.26 13.29
CA SER D 182 -7.34 9.95 13.84
C SER D 182 -8.55 9.94 12.90
N PHE D 183 -8.32 10.38 11.67
CA PHE D 183 -9.37 10.42 10.73
C PHE D 183 -10.09 9.10 10.62
N ARG D 184 -9.32 8.02 10.70
CA ARG D 184 -9.87 6.69 10.61
C ARG D 184 -10.81 6.35 11.77
N GLN D 185 -10.28 6.49 12.98
CA GLN D 185 -11.05 6.19 14.15
C GLN D 185 -12.33 7.01 14.16
N ALA D 186 -12.18 8.32 14.02
CA ALA D 186 -13.33 9.17 13.99
C ALA D 186 -14.36 8.77 12.92
N LEU D 187 -13.88 8.42 11.73
CA LEU D 187 -14.79 8.05 10.68
C LEU D 187 -15.52 6.77 10.95
N HIS D 188 -14.80 5.80 11.50
CA HIS D 188 -15.37 4.52 11.81
C HIS D 188 -16.62 4.55 12.70
N GLU D 189 -16.78 5.63 13.47
CA GLU D 189 -17.92 5.75 14.36
C GLU D 189 -19.22 5.84 13.61
N VAL D 190 -19.19 6.52 12.47
CA VAL D 190 -20.36 6.69 11.65
C VAL D 190 -20.38 5.78 10.45
N HIS D 191 -19.19 5.51 9.94
CA HIS D 191 -19.03 4.61 8.81
C HIS D 191 -17.97 3.54 9.09
N PRO D 192 -18.41 2.38 9.57
CA PRO D 192 -17.63 1.20 9.94
C PRO D 192 -16.63 0.67 8.89
N ILE D 193 -15.37 0.60 9.28
CA ILE D 193 -14.36 0.09 8.39
C ILE D 193 -14.15 -1.41 8.59
N SER D 194 -14.38 -2.17 7.53
CA SER D 194 -14.25 -3.62 7.59
C SER D 194 -12.99 -4.15 8.24
N SER D 195 -11.88 -4.10 7.52
CA SER D 195 -10.63 -4.63 8.00
C SER D 195 -9.49 -3.63 8.10
N GLY D 196 -8.31 -4.14 8.48
CA GLY D 196 -7.14 -3.31 8.57
C GLY D 196 -6.69 -3.08 7.14
N LEU D 197 -7.10 -3.97 6.25
CA LEU D 197 -6.79 -3.86 4.84
C LEU D 197 -7.76 -2.90 4.14
N GLU D 198 -9.05 -3.04 4.44
CA GLU D 198 -10.03 -2.15 3.83
C GLU D 198 -9.62 -0.72 4.07
N ALA D 199 -9.18 -0.47 5.28
CA ALA D 199 -8.73 0.83 5.66
C ALA D 199 -7.51 1.25 4.87
N MET D 200 -6.57 0.31 4.68
CA MET D 200 -5.39 0.65 3.89
C MET D 200 -5.78 1.07 2.48
N ALA D 201 -6.85 0.46 1.99
CA ALA D 201 -7.36 0.79 0.69
C ALA D 201 -7.99 2.16 0.74
N LEU D 202 -8.88 2.34 1.71
CA LEU D 202 -9.50 3.62 1.88
C LEU D 202 -8.46 4.73 1.89
N LYS D 203 -7.50 4.60 2.81
CA LYS D 203 -6.45 5.58 2.94
C LYS D 203 -5.77 5.93 1.61
N SER D 204 -5.46 4.92 0.82
CA SER D 204 -4.82 5.17 -0.45
C SER D 204 -5.71 5.99 -1.39
N THR D 205 -7.01 5.76 -1.31
CA THR D 205 -7.96 6.50 -2.12
C THR D 205 -8.05 7.98 -1.71
N ILE D 206 -8.07 8.25 -0.39
CA ILE D 206 -8.17 9.63 0.10
C ILE D 206 -6.88 10.43 0.15
N ASP D 207 -5.82 9.85 0.69
CA ASP D 207 -4.54 10.52 0.83
C ASP D 207 -3.87 10.88 -0.50
N LEU D 208 -4.51 11.78 -1.23
CA LEU D 208 -4.02 12.22 -2.53
C LEU D 208 -2.64 12.86 -2.56
N THR D 209 -2.20 13.39 -1.43
CA THR D 209 -0.87 13.98 -1.41
C THR D 209 0.15 12.99 -0.87
N CYS D 210 -0.28 11.74 -0.71
CA CYS D 210 0.57 10.70 -0.21
C CYS D 210 1.50 11.14 0.89
N ASN D 211 0.94 11.48 2.05
CA ASN D 211 1.75 11.91 3.15
C ASN D 211 1.21 11.48 4.51
N ASP D 212 0.44 10.40 4.51
CA ASP D 212 -0.14 9.86 5.74
C ASP D 212 -0.96 10.86 6.59
N TYR D 213 -1.46 11.89 5.91
CA TYR D 213 -2.32 12.92 6.50
C TYR D 213 -3.54 13.19 5.63
N ILE D 214 -4.66 13.43 6.27
CA ILE D 214 -5.86 13.75 5.57
C ILE D 214 -6.26 15.19 5.80
N SER D 215 -6.32 15.99 4.75
CA SER D 215 -6.72 17.38 4.93
C SER D 215 -8.17 17.67 4.56
N VAL D 216 -8.72 18.70 5.18
CA VAL D 216 -10.08 19.09 4.89
C VAL D 216 -10.36 19.10 3.39
N PHE D 217 -9.35 19.49 2.62
CA PHE D 217 -9.42 19.54 1.16
C PHE D 217 -9.53 18.13 0.57
N GLU D 218 -8.66 17.25 1.03
CA GLU D 218 -8.68 15.87 0.62
C GLU D 218 -10.01 15.27 1.00
N PHE D 219 -10.42 15.54 2.23
CA PHE D 219 -11.68 15.05 2.72
C PHE D 219 -12.84 15.44 1.82
N ASP D 220 -12.90 16.72 1.47
CA ASP D 220 -13.96 17.22 0.60
C ASP D 220 -14.05 16.49 -0.74
N ILE D 221 -12.89 16.33 -1.39
CA ILE D 221 -12.83 15.66 -2.66
C ILE D 221 -13.34 14.24 -2.61
N PHE D 222 -12.95 13.52 -1.57
CA PHE D 222 -13.43 12.19 -1.43
C PHE D 222 -14.96 12.20 -1.34
N THR D 223 -15.46 12.82 -0.28
CA THR D 223 -16.88 12.95 -0.03
C THR D 223 -17.71 13.39 -1.24
N ARG D 224 -17.08 14.13 -2.14
CA ARG D 224 -17.79 14.56 -3.33
C ARG D 224 -17.91 13.44 -4.37
N LEU D 225 -16.79 12.76 -4.58
CA LEU D 225 -16.70 11.63 -5.49
C LEU D 225 -17.56 10.45 -5.06
N PHE D 226 -17.60 10.21 -3.75
CA PHE D 226 -18.33 9.09 -3.20
C PHE D 226 -19.65 9.34 -2.55
N GLN D 227 -20.19 10.53 -2.74
CA GLN D 227 -21.49 10.83 -2.20
C GLN D 227 -22.51 9.76 -2.63
N PRO D 228 -23.66 9.70 -1.98
CA PRO D 228 -24.10 10.54 -0.86
C PRO D 228 -23.36 10.18 0.43
N TRP D 229 -23.19 11.16 1.33
CA TRP D 229 -22.51 10.89 2.58
C TRP D 229 -23.18 9.79 3.38
N SER D 230 -24.51 9.74 3.29
CA SER D 230 -25.25 8.72 4.00
C SER D 230 -24.59 7.37 3.98
N SER D 231 -24.25 6.88 2.79
CA SER D 231 -23.58 5.58 2.65
C SER D 231 -22.16 5.68 2.11
N LEU D 232 -21.43 6.70 2.56
CA LEU D 232 -20.09 6.94 2.08
C LEU D 232 -19.26 5.70 1.70
N LEU D 233 -18.76 4.98 2.69
CA LEU D 233 -17.91 3.84 2.42
C LEU D 233 -18.54 2.70 1.60
N ARG D 234 -19.84 2.49 1.76
CA ARG D 234 -20.52 1.45 1.02
C ARG D 234 -20.55 1.75 -0.48
N ASN D 235 -20.56 3.04 -0.81
CA ASN D 235 -20.53 3.44 -2.19
C ASN D 235 -19.11 3.21 -2.72
N TRP D 236 -18.15 3.72 -1.96
CA TRP D 236 -16.77 3.52 -2.27
C TRP D 236 -16.51 2.05 -2.52
N ASN D 237 -16.97 1.21 -1.60
CA ASN D 237 -16.80 -0.20 -1.74
C ASN D 237 -17.25 -0.72 -3.10
N SER D 238 -18.43 -0.26 -3.51
CA SER D 238 -19.03 -0.68 -4.78
C SER D 238 -18.52 0.03 -6.03
N LEU D 239 -17.86 1.16 -5.86
CA LEU D 239 -17.35 1.89 -6.99
C LEU D 239 -15.84 1.82 -7.10
N ALA D 240 -15.18 1.19 -6.12
CA ALA D 240 -13.74 1.09 -6.17
C ALA D 240 -13.13 -0.19 -5.55
N VAL D 241 -13.65 -0.60 -4.41
CA VAL D 241 -13.12 -1.77 -3.79
C VAL D 241 -13.43 -3.06 -4.54
N THR D 242 -14.60 -3.14 -5.13
CA THR D 242 -14.96 -4.34 -5.84
C THR D 242 -15.36 -4.15 -7.29
N HIS D 243 -14.98 -3.00 -7.85
CA HIS D 243 -15.31 -2.70 -9.21
C HIS D 243 -14.11 -2.60 -10.14
N PRO D 244 -13.93 -3.61 -11.01
CA PRO D 244 -12.82 -3.67 -11.98
C PRO D 244 -12.58 -2.39 -12.79
N GLY D 245 -13.61 -1.55 -12.90
CA GLY D 245 -13.47 -0.32 -13.67
C GLY D 245 -12.68 0.75 -12.95
N TYR D 246 -12.78 0.77 -11.63
CA TYR D 246 -12.05 1.77 -10.89
C TYR D 246 -10.55 1.68 -11.05
N MET D 247 -9.95 2.76 -11.52
CA MET D 247 -8.52 2.85 -11.72
C MET D 247 -7.86 3.87 -10.78
N ALA D 248 -7.10 3.39 -9.82
CA ALA D 248 -6.42 4.25 -8.85
C ALA D 248 -5.85 5.51 -9.42
N PHE D 249 -4.53 5.62 -9.40
CA PHE D 249 -3.88 6.84 -9.86
C PHE D 249 -3.49 6.88 -11.34
N LEU D 250 -4.46 6.97 -12.24
CA LEU D 250 -4.16 7.04 -13.67
C LEU D 250 -4.51 8.37 -14.30
N THR D 251 -3.85 8.70 -15.40
CA THR D 251 -4.10 9.95 -16.10
C THR D 251 -4.87 9.75 -17.39
N TYR D 252 -5.24 10.85 -18.04
CA TYR D 252 -5.93 10.76 -19.28
C TYR D 252 -5.16 9.92 -20.31
N ASP D 253 -3.88 10.22 -20.48
CA ASP D 253 -3.07 9.47 -21.40
C ASP D 253 -3.09 7.99 -21.06
N GLU D 254 -2.76 7.69 -19.80
CA GLU D 254 -2.73 6.33 -19.31
C GLU D 254 -4.04 5.55 -19.50
N VAL D 255 -5.17 6.22 -19.37
CA VAL D 255 -6.45 5.58 -19.57
C VAL D 255 -6.66 5.16 -21.02
N LYS D 256 -6.25 6.03 -21.93
CA LYS D 256 -6.33 5.77 -23.35
C LYS D 256 -5.34 4.68 -23.71
N ALA D 257 -4.10 4.87 -23.25
CA ALA D 257 -3.06 3.89 -23.47
C ALA D 257 -3.52 2.50 -23.05
N ARG D 258 -4.11 2.44 -21.87
CA ARG D 258 -4.62 1.20 -21.33
C ARG D 258 -5.83 0.63 -22.05
N LEU D 259 -6.88 1.42 -22.29
CA LEU D 259 -8.03 0.89 -23.00
C LEU D 259 -7.71 0.42 -24.43
N GLN D 260 -6.52 0.77 -24.91
CA GLN D 260 -6.12 0.38 -26.24
C GLN D 260 -6.01 -1.12 -26.49
N LYS D 261 -5.90 -1.92 -25.44
CA LYS D 261 -5.83 -3.35 -25.63
C LYS D 261 -7.21 -3.95 -25.88
N PHE D 262 -8.23 -3.14 -25.63
CA PHE D 262 -9.59 -3.53 -25.89
C PHE D 262 -10.12 -2.59 -26.94
N ILE D 263 -9.17 -1.83 -27.47
CA ILE D 263 -9.31 -0.78 -28.51
C ILE D 263 -10.49 -0.87 -29.45
N HIS D 264 -10.96 -2.06 -29.70
CA HIS D 264 -12.09 -2.20 -30.58
C HIS D 264 -12.95 -3.39 -30.04
N LYS D 265 -13.23 -3.26 -28.74
CA LYS D 265 -14.06 -4.15 -28.00
C LYS D 265 -15.16 -3.30 -27.36
N PRO D 266 -15.90 -2.56 -28.20
CA PRO D 266 -16.99 -1.67 -27.80
C PRO D 266 -17.68 -2.07 -26.50
N GLY D 267 -17.67 -1.15 -25.54
CA GLY D 267 -18.30 -1.40 -24.24
C GLY D 267 -17.25 -1.29 -23.16
N SER D 268 -16.03 -1.69 -23.50
CA SER D 268 -14.94 -1.64 -22.58
C SER D 268 -14.72 -0.24 -22.03
N TYR D 269 -14.73 -0.13 -20.70
CA TYR D 269 -14.56 1.14 -20.04
C TYR D 269 -13.92 1.05 -18.68
N ILE D 270 -13.28 2.14 -18.30
CA ILE D 270 -12.65 2.26 -17.01
C ILE D 270 -12.83 3.68 -16.46
N PHE D 271 -12.90 3.84 -15.14
CA PHE D 271 -13.05 5.15 -14.60
C PHE D 271 -12.02 5.50 -13.58
N ARG D 272 -11.76 6.80 -13.47
CA ARG D 272 -10.77 7.31 -12.56
C ARG D 272 -11.13 8.70 -12.05
N LEU D 273 -10.22 9.28 -11.28
CA LEU D 273 -10.43 10.63 -10.79
C LEU D 273 -9.96 11.62 -11.83
N SER D 274 -10.64 12.75 -11.97
CA SER D 274 -10.17 13.73 -12.93
C SER D 274 -9.00 14.53 -12.41
N CYS D 275 -8.18 15.00 -13.33
CA CYS D 275 -7.04 15.76 -12.93
C CYS D 275 -7.28 17.28 -12.89
N THR D 276 -8.03 17.78 -13.87
CA THR D 276 -8.34 19.19 -13.95
C THR D 276 -9.59 19.54 -13.19
N ARG D 277 -10.60 18.67 -13.28
CA ARG D 277 -11.84 18.88 -12.57
C ARG D 277 -11.93 18.02 -11.28
N LEU D 278 -10.98 18.24 -10.37
CA LEU D 278 -10.92 17.53 -9.10
C LEU D 278 -12.25 17.38 -8.39
N GLY D 279 -12.52 16.17 -7.94
CA GLY D 279 -13.79 15.95 -7.25
C GLY D 279 -14.80 15.39 -8.20
N GLN D 280 -14.37 15.15 -9.43
CA GLN D 280 -15.25 14.58 -10.40
C GLN D 280 -14.65 13.42 -11.16
N TRP D 281 -15.53 12.60 -11.73
CA TRP D 281 -15.15 11.42 -12.45
C TRP D 281 -14.77 11.59 -13.92
N ALA D 282 -13.98 10.65 -14.41
CA ALA D 282 -13.56 10.67 -15.77
C ALA D 282 -13.65 9.30 -16.44
N ILE D 283 -14.84 8.94 -16.89
CA ILE D 283 -15.02 7.67 -17.57
C ILE D 283 -14.22 7.59 -18.89
N GLY D 284 -13.74 6.40 -19.20
CA GLY D 284 -12.99 6.19 -20.44
C GLY D 284 -13.63 5.01 -21.13
N TYR D 285 -14.15 5.20 -22.34
CA TYR D 285 -14.79 4.10 -23.03
C TYR D 285 -14.49 3.94 -24.54
N VAL D 286 -14.88 2.76 -25.07
CA VAL D 286 -14.69 2.38 -26.47
C VAL D 286 -15.99 2.29 -27.26
N THR D 287 -16.11 3.19 -28.23
CA THR D 287 -17.28 3.31 -29.11
C THR D 287 -17.44 2.23 -30.13
N ALA D 288 -18.69 1.93 -30.44
CA ALA D 288 -19.01 0.93 -31.41
C ALA D 288 -18.11 1.00 -32.64
N ASP D 289 -17.72 2.22 -33.01
CA ASP D 289 -16.85 2.37 -34.15
C ASP D 289 -15.38 2.38 -33.77
N GLY D 290 -15.08 1.61 -32.73
CA GLY D 290 -13.71 1.46 -32.26
C GLY D 290 -12.93 2.69 -31.87
N ASN D 291 -13.54 3.56 -31.08
CA ASN D 291 -12.85 4.74 -30.64
C ASN D 291 -12.86 4.94 -29.13
N ILE D 292 -11.85 5.64 -28.61
CA ILE D 292 -11.72 5.89 -27.18
C ILE D 292 -12.05 7.32 -26.69
N LEU D 293 -13.20 7.46 -26.06
CA LEU D 293 -13.63 8.73 -25.54
C LEU D 293 -13.62 8.77 -24.02
N GLN D 294 -13.74 9.97 -23.46
CA GLN D 294 -13.74 10.13 -22.04
C GLN D 294 -14.67 11.24 -21.57
N THR D 295 -15.66 10.86 -20.79
CA THR D 295 -16.62 11.82 -20.28
C THR D 295 -16.53 12.06 -18.78
N ILE D 296 -16.86 13.28 -18.36
CA ILE D 296 -16.88 13.65 -16.97
C ILE D 296 -18.30 13.94 -16.51
N PRO D 297 -18.94 12.95 -15.88
CA PRO D 297 -20.31 13.06 -15.38
C PRO D 297 -20.72 14.43 -14.81
N HIS D 298 -21.78 14.98 -15.38
CA HIS D 298 -22.33 16.26 -14.93
C HIS D 298 -23.85 16.21 -14.83
N ASN D 299 -24.40 16.77 -13.76
CA ASN D 299 -25.84 16.74 -13.56
C ASN D 299 -26.37 15.33 -13.32
N LYS D 300 -25.44 14.43 -13.05
CA LYS D 300 -25.74 13.05 -12.74
C LYS D 300 -24.57 12.39 -12.02
N PRO D 301 -24.83 11.77 -10.86
CA PRO D 301 -23.77 11.12 -10.10
C PRO D 301 -23.15 9.93 -10.85
N LEU D 302 -21.87 9.66 -10.62
CA LEU D 302 -21.24 8.54 -11.27
C LEU D 302 -22.11 7.29 -11.21
N PHE D 303 -22.76 7.12 -10.06
CA PHE D 303 -23.64 6.01 -9.84
C PHE D 303 -24.63 5.86 -10.97
N GLN D 304 -25.25 6.98 -11.32
CA GLN D 304 -26.25 7.04 -12.38
C GLN D 304 -25.64 6.90 -13.78
N ALA D 305 -24.59 7.66 -14.05
CA ALA D 305 -23.95 7.56 -15.35
C ALA D 305 -23.69 6.12 -15.71
N LEU D 306 -23.08 5.41 -14.79
CA LEU D 306 -22.77 4.02 -14.97
C LEU D 306 -23.99 3.16 -15.27
N ILE D 307 -25.07 3.37 -14.53
CA ILE D 307 -26.27 2.59 -14.75
C ILE D 307 -26.88 2.77 -16.12
N ASP D 308 -26.96 4.01 -16.56
CA ASP D 308 -27.50 4.31 -17.87
C ASP D 308 -26.58 3.88 -19.00
N GLY D 309 -25.31 4.30 -18.90
CA GLY D 309 -24.32 3.97 -19.91
C GLY D 309 -24.36 2.48 -20.20
N PHE D 310 -24.42 1.68 -19.15
CA PHE D 310 -24.51 0.26 -19.33
C PHE D 310 -25.79 -0.11 -20.10
N ARG D 311 -26.90 0.49 -19.70
CA ARG D 311 -28.14 0.23 -20.38
C ARG D 311 -28.05 0.54 -21.88
N GLU D 312 -27.42 1.67 -22.22
CA GLU D 312 -27.28 2.10 -23.59
C GLU D 312 -26.08 1.54 -24.38
N GLY D 313 -25.40 0.56 -23.80
CA GLY D 313 -24.28 -0.07 -24.49
C GLY D 313 -22.99 0.72 -24.58
N PHE D 314 -22.65 1.45 -23.53
CA PHE D 314 -21.42 2.22 -23.49
C PHE D 314 -20.55 1.83 -22.30
N TYR D 315 -21.21 1.39 -21.24
CA TYR D 315 -20.55 0.95 -20.05
C TYR D 315 -20.93 -0.49 -19.73
N LEU D 316 -20.38 -1.41 -20.54
CA LEU D 316 -20.63 -2.83 -20.46
C LEU D 316 -19.51 -3.72 -19.89
N PHE D 317 -18.28 -3.49 -20.33
CA PHE D 317 -17.17 -4.30 -19.86
C PHE D 317 -16.11 -3.53 -19.06
N PRO D 318 -16.25 -3.54 -17.73
CA PRO D 318 -15.30 -2.83 -16.86
C PRO D 318 -13.89 -3.30 -17.06
N ASP D 319 -13.11 -2.53 -17.80
CA ASP D 319 -11.73 -2.89 -18.07
C ASP D 319 -11.59 -4.22 -18.79
N GLY D 320 -12.33 -4.37 -19.88
CA GLY D 320 -12.24 -5.61 -20.63
C GLY D 320 -13.19 -6.65 -20.07
N ARG D 321 -13.13 -6.86 -18.76
CA ARG D 321 -13.98 -7.83 -18.09
C ARG D 321 -15.34 -8.06 -18.77
N ASN D 322 -15.67 -9.31 -19.03
CA ASN D 322 -16.93 -9.61 -19.66
C ASN D 322 -18.11 -9.31 -18.75
N GLN D 323 -17.93 -9.56 -17.46
CA GLN D 323 -18.98 -9.32 -16.49
C GLN D 323 -18.93 -7.92 -15.88
N ASN D 324 -20.11 -7.36 -15.57
CA ASN D 324 -20.20 -6.03 -15.00
C ASN D 324 -20.89 -5.98 -13.63
N PRO D 325 -20.40 -5.12 -12.73
CA PRO D 325 -20.96 -4.96 -11.38
C PRO D 325 -22.43 -4.56 -11.41
N ASP D 326 -23.21 -5.03 -10.45
CA ASP D 326 -24.61 -4.70 -10.39
C ASP D 326 -24.90 -3.58 -9.37
N LEU D 327 -24.58 -2.34 -9.77
CA LEU D 327 -24.78 -1.18 -8.91
C LEU D 327 -26.20 -0.99 -8.38
N THR D 328 -27.16 -1.60 -9.07
CA THR D 328 -28.55 -1.50 -8.66
C THR D 328 -28.77 -1.88 -7.18
N GLY D 329 -27.81 -2.61 -6.61
CA GLY D 329 -27.94 -2.95 -5.21
C GLY D 329 -27.73 -1.67 -4.42
#